data_9DYF
#
_entry.id   9DYF
#
loop_
_entity.id
_entity.type
_entity.pdbx_description
1 polymer 'Guanine nucleotide-binding protein G(i) subunit alpha-1'
2 polymer 'Guanine nucleotide-binding protein G(I)/G(S)/G(T) subunit beta-1'
3 polymer 'Guanine nucleotide-binding protein G(I)/G(S)/G(O) subunit gamma-2'
4 polymer 'Soluble cytochrome b562,5-hydroxytryptamine receptor 1A'
5 non-polymer (3aS,12bR)-asenapine
6 non-polymer CHOLESTEROL
7 non-polymer '[(2R)-1-[oxidanyl-[(2R,3R,5S,6R)-2,3,5,6-tetrakis(oxidanyl)-4-phosphonooxy-cyclohexyl]oxy-phosphoryl]oxy-3-tetradecanoyloxy-propan-2-yl] (5E,8E)-hexadeca-5,8,11,14-tetraenoate'
#
loop_
_entity_poly.entity_id
_entity_poly.type
_entity_poly.pdbx_seq_one_letter_code
_entity_poly.pdbx_strand_id
1 'polypeptide(L)'
;MGCTLSAEDKAAVERSKMIDRNLREDGEKAAREVKLLLLGAGESGKNTIVKQMKIIHEAGYSEEECKQYKAVVYSNTIQS
IIAIIRAMGRLKIDFGDSARADDARQLFVLAGAAEEGFMTAELAGVIKRLWKDSGVQACFNRSREYQLNDSAAYYLNDLD
RIAQPNYIPTQQDVLRTRVKTTGIVETHFTFKDLHFKMFDVGAQRSERKKWIHCFEGVTAIIFCVALSDYDLVLAEDEEM
NRMHASMKLFDSICNNKWFTDTSIILFLNKKDLFEEKIKKSPLTICYPEYAGSNTYEEAAAYIQCQFEDLNKRKDTKEIY
THFTCSTDTKNVQFVFDAVTDVIIKNNLKDCGLF
;
A
2 'polypeptide(L)'
;MHHHHHHLEVLFQGPGSSGSELDQLRQEAEQLKNQIRDARKACADATLSQITNNIDPVGRIQMRTRRTLRGHLAKIYAMH
WGTDSRLLVSASQDGKLIIWDSYTTNKVHAIPLRSSWVMTCAYAPSGNYVACGGLDNICSIYNLKTREGNVRVSRELAGH
TGYLSCCRFLDDNQIVTSSGDTTCALWDIETGQQTTTFTGHTGDVMSLSLAPDTRLFVSGACDASAKLWDVREGMCRQTF
TGHESDINAICFFPNGNAFATGSDDATCRLFDLRADQELMTYSHDNIICGITSVSFSKSGRLLLAGYDDFNCNVWDALKA
DRAGVLAGHDNRVSCLGVTDDGMAVATGSWDSFLKIWN
;
B
3 'polypeptide(L)' MASNNTASIAQARKLVEQLKMEANIDRIKVSKAAADLMAYCEAHAKEDPLLTPVPASENPFREKKFFCAIL G
4 'polypeptide(L)'
;MKTIIALSYIFCLVFADYKDDDDAKLQTMHHHHHHHHHHENLYFQGGTTADLEDNWETLNDNLKVIEKADNAAQVKDALT
KMRAAALDAQKATPPKLEDKSPDSPEMKDFRHGFDILVGQIDDALKLANEGKVKEAQAAAEQLKTTRNAYIQKYLTGISD
VTVSYQVITSLLLGTLIFCAVLGNACVVAAIALERSLQNVANYLIGSLAVTDLMVSVLVLPMAALYQVLNKWTLGQVTCD
LFIALDVLCCTSSIWHLCAIALDRYWAITDPIDYVNKRTPRRAAALISLTWLIGFLISIPPMLGWRTPEDRSDPDACTIS
KDHGYTIYSTFGAFYIPLLLMLVLYGRIFRAARFRIRKTVKKVEKTGADTRHGASPAPQPKKSVNGESGSRNWRLGVESK
AGGALCANGAVRQGDDGAALEVIEVHRVGNSKEHLPLPSEAGPTPCAPASFERKNERNAEAKRKMALARERKTVKTLGII
MGTFILCWLPFFIVALVLPFCESSCHMPTLLGAIINWLGYSNSLLNPVIYAYFNKDFQNAFKKIIKCKFCRQ
;
R
#
# COMPACT_ATOMS: atom_id res chain seq x y z
N THR A 4 15.71 30.63 -9.70
CA THR A 4 14.31 30.89 -9.38
C THR A 4 13.58 31.50 -10.58
N LEU A 5 14.00 32.70 -10.96
CA LEU A 5 13.41 33.42 -12.08
C LEU A 5 14.18 33.23 -13.38
N SER A 6 15.24 32.42 -13.38
CA SER A 6 16.00 32.20 -14.60
C SER A 6 15.18 31.41 -15.61
N ALA A 7 15.54 31.54 -16.89
CA ALA A 7 14.81 30.86 -17.94
C ALA A 7 14.89 29.34 -17.79
N GLU A 8 16.07 28.83 -17.44
CA GLU A 8 16.21 27.38 -17.27
C GLU A 8 15.38 26.87 -16.11
N ASP A 9 15.28 27.65 -15.03
CA ASP A 9 14.43 27.26 -13.91
C ASP A 9 12.98 27.17 -14.32
N LYS A 10 12.50 28.15 -15.08
CA LYS A 10 11.12 28.13 -15.55
C LYS A 10 10.88 26.95 -16.48
N ALA A 11 11.84 26.66 -17.37
CA ALA A 11 11.70 25.50 -18.25
C ALA A 11 11.64 24.20 -17.46
N ALA A 12 12.49 24.09 -16.43
CA ALA A 12 12.47 22.90 -15.58
C ALA A 12 11.14 22.74 -14.86
N VAL A 13 10.59 23.85 -14.34
CA VAL A 13 9.32 23.77 -13.63
C VAL A 13 8.20 23.39 -14.59
N GLU A 14 8.20 23.94 -15.81
CA GLU A 14 7.18 23.58 -16.78
C GLU A 14 7.28 22.11 -17.17
N ARG A 15 8.50 21.61 -17.37
CA ARG A 15 8.67 20.20 -17.69
C ARG A 15 8.20 19.31 -16.54
N SER A 16 8.50 19.73 -15.30
CA SER A 16 8.03 18.97 -14.14
C SER A 16 6.51 18.93 -14.07
N LYS A 17 5.88 20.05 -14.41
CA LYS A 17 4.39 20.15 -14.48
C LYS A 17 3.85 19.23 -15.58
N MET A 18 4.40 19.32 -16.79
CA MET A 18 3.96 18.44 -17.92
C MET A 18 4.03 16.98 -17.48
N ILE A 19 5.20 16.54 -17.01
CA ILE A 19 5.41 15.14 -16.53
C ILE A 19 4.36 14.79 -15.48
N ASP A 20 4.14 15.65 -14.50
CA ASP A 20 3.23 15.33 -13.37
C ASP A 20 1.80 15.16 -13.88
N ARG A 21 1.40 15.95 -14.88
CA ARG A 21 0.03 15.83 -15.48
C ARG A 21 -0.09 14.46 -16.15
N ASN A 22 0.89 14.10 -16.98
CA ASN A 22 0.88 12.79 -17.70
C ASN A 22 0.80 11.64 -16.68
N LEU A 23 1.45 11.80 -15.53
CA LEU A 23 1.54 10.72 -14.50
C LEU A 23 0.19 10.58 -13.78
N ARG A 24 -0.53 11.69 -13.61
CA ARG A 24 -1.91 11.65 -13.03
C ARG A 24 -2.88 11.03 -14.05
N GLU A 25 -2.77 11.45 -15.32
CA GLU A 25 -3.60 10.85 -16.40
C GLU A 25 -3.34 9.35 -16.47
N ASP A 26 -2.07 8.92 -16.35
CA ASP A 26 -1.78 7.49 -16.42
C ASP A 26 -2.35 6.75 -15.21
N GLY A 27 -2.30 7.39 -14.04
CA GLY A 27 -2.79 6.74 -12.80
C GLY A 27 -4.30 6.54 -12.80
N GLU A 28 -5.04 7.46 -13.43
CA GLU A 28 -6.52 7.38 -13.50
C GLU A 28 -6.91 6.25 -14.47
N LYS A 29 -6.36 6.31 -15.69
CA LYS A 29 -6.51 5.21 -16.68
C LYS A 29 -6.19 3.88 -16.00
N ALA A 30 -5.09 3.80 -15.24
CA ALA A 30 -4.75 2.48 -14.71
C ALA A 30 -5.68 2.04 -13.59
N ALA A 31 -6.30 2.99 -12.89
CA ALA A 31 -7.18 2.62 -11.79
C ALA A 31 -8.47 1.94 -12.25
N ARG A 32 -8.76 1.94 -13.56
CA ARG A 32 -10.09 1.47 -14.02
C ARG A 32 -10.04 -0.01 -14.41
N GLU A 33 -9.06 -0.77 -13.89
CA GLU A 33 -8.88 -2.19 -14.27
C GLU A 33 -9.08 -3.09 -13.04
N VAL A 34 -9.49 -4.35 -13.26
CA VAL A 34 -9.66 -5.37 -12.18
C VAL A 34 -8.54 -6.41 -12.31
N LYS A 35 -7.68 -6.50 -11.30
CA LYS A 35 -6.49 -7.32 -11.29
C LYS A 35 -6.76 -8.64 -10.57
N LEU A 36 -6.45 -9.75 -11.22
CA LEU A 36 -6.69 -11.08 -10.68
C LEU A 36 -5.39 -11.87 -10.70
N LEU A 37 -5.14 -12.62 -9.63
CA LEU A 37 -3.95 -13.46 -9.53
C LEU A 37 -4.34 -14.90 -9.83
N LEU A 38 -3.66 -15.52 -10.78
CA LEU A 38 -3.95 -16.88 -11.19
C LEU A 38 -2.91 -17.83 -10.57
N LEU A 39 -3.39 -18.80 -9.80
CA LEU A 39 -2.53 -19.77 -9.16
C LEU A 39 -3.02 -21.18 -9.45
N GLY A 40 -2.30 -22.16 -8.92
CA GLY A 40 -2.66 -23.56 -9.12
C GLY A 40 -1.42 -24.40 -9.34
N ALA A 41 -1.65 -25.70 -9.42
CA ALA A 41 -0.56 -26.64 -9.67
C ALA A 41 -0.12 -26.55 -11.12
N GLY A 42 1.00 -27.21 -11.43
CA GLY A 42 1.58 -27.18 -12.75
C GLY A 42 0.64 -27.64 -13.84
N GLU A 43 0.31 -28.94 -13.84
CA GLU A 43 -0.65 -29.48 -14.81
C GLU A 43 -2.03 -29.61 -14.17
N SER A 44 -2.62 -28.44 -13.88
CA SER A 44 -3.93 -28.37 -13.24
C SER A 44 -4.97 -27.70 -14.13
N GLY A 45 -4.69 -27.56 -15.42
CA GLY A 45 -5.62 -26.95 -16.34
C GLY A 45 -5.60 -25.44 -16.38
N LYS A 46 -4.51 -24.80 -15.97
CA LYS A 46 -4.43 -23.34 -16.00
C LYS A 46 -4.51 -22.82 -17.43
N ASN A 47 -3.84 -23.49 -18.36
CA ASN A 47 -3.84 -23.04 -19.75
C ASN A 47 -5.24 -23.14 -20.36
N THR A 48 -6.01 -24.15 -19.95
CA THR A 48 -7.38 -24.27 -20.42
C THR A 48 -8.21 -23.06 -19.99
N ILE A 49 -8.07 -22.65 -18.73
CA ILE A 49 -8.77 -21.46 -18.24
C ILE A 49 -8.30 -20.23 -19.01
N VAL A 50 -6.98 -20.08 -19.16
CA VAL A 50 -6.44 -18.85 -19.82
C VAL A 50 -7.10 -18.72 -21.21
N LYS A 51 -7.12 -19.82 -21.97
CA LYS A 51 -7.71 -19.84 -23.34
C LYS A 51 -9.21 -19.57 -23.26
N GLN A 52 -9.89 -20.16 -22.29
CA GLN A 52 -11.35 -19.96 -22.13
C GLN A 52 -11.64 -18.47 -21.95
N MET A 53 -10.77 -17.73 -21.23
CA MET A 53 -11.04 -16.30 -21.09
C MET A 53 -10.81 -15.54 -22.40
N LYS A 54 -9.73 -15.84 -23.11
CA LYS A 54 -9.43 -15.13 -24.36
C LYS A 54 -9.85 -15.98 -25.55
N ILE A 55 -11.12 -15.81 -25.93
CA ILE A 55 -11.68 -16.51 -27.07
C ILE A 55 -11.80 -15.56 -28.25
N ILE A 56 -12.58 -14.49 -28.10
CA ILE A 56 -12.80 -13.52 -29.16
C ILE A 56 -12.42 -12.10 -28.75
N HIS A 57 -12.19 -11.84 -27.46
CA HIS A 57 -11.85 -10.52 -26.97
C HIS A 57 -10.52 -10.62 -26.22
N GLU A 58 -9.49 -9.99 -26.77
CA GLU A 58 -8.15 -10.05 -26.20
C GLU A 58 -7.48 -8.68 -26.31
N ALA A 59 -6.52 -8.44 -25.42
CA ALA A 59 -5.72 -7.21 -25.43
C ALA A 59 -6.61 -5.98 -25.39
N GLY A 60 -7.65 -6.02 -24.58
CA GLY A 60 -8.58 -4.91 -24.46
C GLY A 60 -10.01 -5.36 -24.35
N THR A 177 11.69 -5.13 -31.30
CA THR A 177 11.62 -6.58 -31.18
C THR A 177 11.60 -7.00 -29.71
N ARG A 178 10.39 -7.26 -29.20
CA ARG A 178 10.25 -7.65 -27.81
C ARG A 178 10.85 -9.03 -27.56
N VAL A 179 11.30 -9.24 -26.33
CA VAL A 179 11.88 -10.51 -25.90
C VAL A 179 10.88 -11.23 -25.02
N LYS A 180 10.81 -12.55 -25.18
CA LYS A 180 9.96 -13.37 -24.33
C LYS A 180 10.35 -13.18 -22.86
N THR A 181 9.36 -13.01 -21.99
CA THR A 181 9.60 -12.66 -20.60
C THR A 181 9.85 -13.89 -19.73
N THR A 182 9.01 -14.92 -19.85
CA THR A 182 9.14 -16.23 -19.20
C THR A 182 8.92 -16.12 -17.69
N GLY A 183 8.84 -14.92 -17.13
CA GLY A 183 8.64 -14.77 -15.71
C GLY A 183 7.20 -14.69 -15.29
N ILE A 184 6.46 -13.75 -15.88
CA ILE A 184 5.05 -13.53 -15.56
C ILE A 184 4.30 -13.35 -16.87
N VAL A 185 3.07 -13.86 -16.92
CA VAL A 185 2.25 -13.81 -18.13
C VAL A 185 1.05 -12.90 -17.87
N GLU A 186 0.80 -11.98 -18.81
CA GLU A 186 -0.30 -11.04 -18.73
C GLU A 186 -1.42 -11.47 -19.66
N THR A 187 -2.67 -11.31 -19.21
CA THR A 187 -3.84 -11.62 -20.02
C THR A 187 -4.88 -10.53 -19.80
N HIS A 188 -5.09 -9.71 -20.83
CA HIS A 188 -6.08 -8.61 -20.84
C HIS A 188 -7.36 -9.09 -21.53
N PHE A 189 -8.51 -8.94 -20.87
CA PHE A 189 -9.81 -9.27 -21.52
C PHE A 189 -10.91 -8.36 -20.96
N THR A 190 -11.85 -7.99 -21.82
CA THR A 190 -12.99 -7.17 -21.40
C THR A 190 -14.26 -7.99 -21.48
N PHE A 191 -15.17 -7.78 -20.53
CA PHE A 191 -16.43 -8.50 -20.46
C PHE A 191 -17.49 -7.61 -19.81
N LYS A 192 -18.48 -7.21 -20.60
CA LYS A 192 -19.59 -6.39 -20.12
C LYS A 192 -19.09 -5.08 -19.51
N ASP A 193 -18.29 -4.35 -20.29
CA ASP A 193 -17.79 -3.02 -19.93
C ASP A 193 -16.87 -3.07 -18.71
N LEU A 194 -16.26 -4.21 -18.45
CA LEU A 194 -15.30 -4.32 -17.32
C LEU A 194 -13.99 -4.92 -17.82
N HIS A 195 -12.88 -4.21 -17.64
CA HIS A 195 -11.56 -4.66 -18.15
C HIS A 195 -10.82 -5.42 -17.05
N PHE A 196 -10.30 -6.61 -17.39
CA PHE A 196 -9.69 -7.52 -16.40
C PHE A 196 -8.21 -7.73 -16.74
N LYS A 197 -7.37 -7.76 -15.70
CA LYS A 197 -5.96 -8.13 -15.78
C LYS A 197 -5.77 -9.40 -14.97
N MET A 198 -5.18 -10.42 -15.60
CA MET A 198 -4.91 -11.69 -14.94
C MET A 198 -3.43 -12.01 -15.07
N PHE A 199 -2.80 -12.33 -13.94
CA PHE A 199 -1.36 -12.55 -13.87
C PHE A 199 -1.10 -14.02 -13.58
N ASP A 200 -0.30 -14.66 -14.43
CA ASP A 200 0.08 -16.06 -14.24
C ASP A 200 1.53 -16.11 -13.77
N VAL A 201 1.77 -16.74 -12.63
CA VAL A 201 3.10 -16.81 -12.04
C VAL A 201 3.51 -18.26 -11.90
N GLY A 202 3.01 -19.12 -12.79
CA GLY A 202 3.30 -20.54 -12.69
C GLY A 202 4.71 -20.90 -13.09
N ALA A 203 5.38 -20.04 -13.86
CA ALA A 203 6.73 -20.31 -14.33
C ALA A 203 7.80 -19.74 -13.41
N GLN A 204 7.44 -19.29 -12.21
CA GLN A 204 8.41 -18.71 -11.28
C GLN A 204 8.74 -19.77 -10.24
N ARG A 205 9.70 -20.63 -10.59
CA ARG A 205 10.13 -21.72 -9.71
C ARG A 205 11.22 -21.19 -8.77
N SER A 206 10.78 -20.62 -7.67
CA SER A 206 11.67 -20.03 -6.67
C SER A 206 10.91 -19.99 -5.34
N GLU A 207 11.45 -19.22 -4.39
CA GLU A 207 10.80 -19.08 -3.09
C GLU A 207 9.60 -18.15 -3.24
N ARG A 208 8.42 -18.65 -2.89
CA ARG A 208 7.17 -17.87 -3.11
C ARG A 208 7.17 -16.64 -2.21
N LYS A 209 7.60 -16.80 -0.95
CA LYS A 209 7.39 -15.75 0.09
C LYS A 209 8.25 -14.52 -0.22
N LYS A 210 9.18 -14.65 -1.17
CA LYS A 210 10.01 -13.50 -1.54
C LYS A 210 9.27 -12.51 -2.43
N TRP A 211 8.25 -12.94 -3.17
CA TRP A 211 7.55 -12.06 -4.09
C TRP A 211 6.03 -12.14 -3.99
N ILE A 212 5.48 -12.83 -3.00
CA ILE A 212 4.03 -12.95 -2.91
C ILE A 212 3.42 -11.67 -2.37
N HIS A 213 4.22 -10.84 -1.69
CA HIS A 213 3.72 -9.58 -1.16
C HIS A 213 3.53 -8.54 -2.25
N CYS A 214 4.12 -8.76 -3.43
CA CYS A 214 3.93 -7.83 -4.54
C CYS A 214 2.50 -7.82 -5.05
N PHE A 215 1.74 -8.89 -4.79
CA PHE A 215 0.39 -9.03 -5.30
C PHE A 215 -0.68 -8.64 -4.29
N GLU A 216 -0.30 -8.06 -3.16
CA GLU A 216 -1.28 -7.54 -2.23
C GLU A 216 -2.10 -6.45 -2.91
N GLY A 217 -3.42 -6.50 -2.75
CA GLY A 217 -4.31 -5.55 -3.37
C GLY A 217 -5.03 -6.04 -4.61
N VAL A 218 -4.79 -7.27 -5.04
CA VAL A 218 -5.55 -7.81 -6.16
C VAL A 218 -7.00 -8.02 -5.70
N THR A 219 -7.92 -7.97 -6.68
CA THR A 219 -9.34 -8.11 -6.35
C THR A 219 -9.66 -9.51 -5.84
N ALA A 220 -9.14 -10.53 -6.51
CA ALA A 220 -9.40 -11.91 -6.11
C ALA A 220 -8.33 -12.82 -6.69
N ILE A 221 -8.32 -14.06 -6.22
CA ILE A 221 -7.36 -15.09 -6.64
C ILE A 221 -8.14 -16.18 -7.36
N ILE A 222 -7.63 -16.61 -8.52
CA ILE A 222 -8.24 -17.78 -9.23
C ILE A 222 -7.32 -18.98 -9.00
N PHE A 223 -7.82 -19.98 -8.27
CA PHE A 223 -7.06 -21.23 -8.02
C PHE A 223 -7.66 -22.35 -8.87
N CYS A 224 -6.83 -23.03 -9.66
CA CYS A 224 -7.32 -24.16 -10.51
C CYS A 224 -6.85 -25.50 -9.95
N VAL A 225 -7.80 -26.41 -9.70
CA VAL A 225 -7.51 -27.82 -9.28
C VAL A 225 -8.02 -28.75 -10.37
N ALA A 226 -7.25 -29.79 -10.72
CA ALA A 226 -7.76 -30.86 -11.61
C ALA A 226 -8.32 -31.99 -10.76
N LEU A 227 -9.63 -32.25 -10.89
CA LEU A 227 -10.31 -33.27 -10.05
C LEU A 227 -9.69 -34.65 -10.32
N SER A 228 -9.15 -34.85 -11.52
CA SER A 228 -8.68 -36.18 -11.97
C SER A 228 -7.26 -36.47 -11.48
N ASP A 229 -6.75 -35.67 -10.55
CA ASP A 229 -5.34 -35.77 -10.11
C ASP A 229 -5.20 -36.69 -8.90
N TYR A 230 -6.32 -37.21 -8.38
CA TYR A 230 -6.24 -37.90 -7.09
C TYR A 230 -5.52 -39.24 -7.21
N ASP A 231 -5.74 -39.97 -8.32
CA ASP A 231 -5.00 -41.21 -8.54
C ASP A 231 -3.52 -40.96 -8.75
N LEU A 232 -3.18 -39.91 -9.50
CA LEU A 232 -1.80 -39.66 -9.86
C LEU A 232 -1.01 -39.15 -8.65
N VAL A 233 0.32 -39.26 -8.76
CA VAL A 233 1.24 -38.77 -7.75
C VAL A 233 2.29 -37.91 -8.42
N LEU A 234 2.91 -37.03 -7.63
CA LEU A 234 3.90 -36.11 -8.16
C LEU A 234 5.18 -36.86 -8.52
N ALA A 235 5.91 -36.33 -9.51
CA ALA A 235 7.16 -36.95 -9.92
C ALA A 235 8.28 -36.70 -8.92
N GLU A 236 8.14 -35.70 -8.05
CA GLU A 236 9.18 -35.43 -7.05
C GLU A 236 9.34 -36.59 -6.10
N ASP A 237 8.23 -37.15 -5.62
CA ASP A 237 8.27 -38.32 -4.75
C ASP A 237 6.96 -39.07 -4.87
N GLU A 238 7.06 -40.40 -4.84
CA GLU A 238 5.88 -41.25 -5.06
C GLU A 238 4.87 -41.10 -3.93
N GLU A 239 5.34 -41.00 -2.69
CA GLU A 239 4.45 -40.91 -1.53
C GLU A 239 3.97 -39.48 -1.30
N MET A 240 3.41 -38.87 -2.34
CA MET A 240 2.85 -37.53 -2.24
C MET A 240 1.79 -37.38 -3.32
N ASN A 241 0.52 -37.49 -2.94
CA ASN A 241 -0.56 -37.35 -3.90
C ASN A 241 -0.60 -35.92 -4.46
N ARG A 242 -0.97 -35.82 -5.73
CA ARG A 242 -1.00 -34.52 -6.45
C ARG A 242 -2.06 -33.61 -5.82
N MET A 243 -3.11 -34.22 -5.24
CA MET A 243 -4.23 -33.43 -4.65
C MET A 243 -3.87 -33.02 -3.23
N HIS A 244 -2.98 -33.76 -2.56
CA HIS A 244 -2.52 -33.37 -1.19
C HIS A 244 -1.57 -32.17 -1.29
N ALA A 245 -0.78 -32.08 -2.37
CA ALA A 245 -0.01 -30.89 -2.66
C ALA A 245 -0.93 -29.73 -3.01
N SER A 246 -2.05 -30.01 -3.68
CA SER A 246 -3.01 -28.96 -4.01
C SER A 246 -3.60 -28.34 -2.76
N MET A 247 -3.99 -29.16 -1.78
CA MET A 247 -4.50 -28.63 -0.53
C MET A 247 -3.41 -27.91 0.25
N LYS A 248 -2.17 -28.40 0.19
CA LYS A 248 -1.09 -27.67 0.85
C LYS A 248 -0.93 -26.27 0.27
N LEU A 249 -0.93 -26.17 -1.06
CA LEU A 249 -0.83 -24.86 -1.71
C LEU A 249 -2.03 -23.97 -1.38
N PHE A 250 -3.24 -24.54 -1.40
CA PHE A 250 -4.44 -23.77 -1.11
C PHE A 250 -4.42 -23.26 0.33
N ASP A 251 -4.01 -24.10 1.28
CA ASP A 251 -3.91 -23.66 2.67
C ASP A 251 -2.84 -22.59 2.81
N SER A 252 -1.73 -22.73 2.10
CA SER A 252 -0.66 -21.75 2.20
C SER A 252 -1.12 -20.38 1.69
N ILE A 253 -1.73 -20.33 0.51
CA ILE A 253 -2.09 -19.04 -0.08
C ILE A 253 -3.31 -18.45 0.61
N CYS A 254 -4.24 -19.29 1.06
CA CYS A 254 -5.49 -18.77 1.63
C CYS A 254 -5.25 -18.06 2.95
N ASN A 255 -4.20 -18.42 3.67
CA ASN A 255 -3.99 -17.93 5.04
C ASN A 255 -2.72 -17.10 5.19
N ASN A 256 -2.21 -16.49 4.11
CA ASN A 256 -1.12 -15.55 4.26
C ASN A 256 -1.60 -14.28 4.96
N LYS A 257 -0.67 -13.57 5.59
CA LYS A 257 -0.98 -12.31 6.22
C LYS A 257 -1.34 -11.23 5.20
N TRP A 258 -0.92 -11.40 3.94
CA TRP A 258 -1.24 -10.42 2.91
C TRP A 258 -2.63 -10.62 2.32
N PHE A 259 -3.14 -11.84 2.34
CA PHE A 259 -4.38 -12.19 1.66
C PHE A 259 -5.50 -12.50 2.66
N THR A 260 -5.59 -11.71 3.73
CA THR A 260 -6.63 -11.94 4.72
C THR A 260 -8.02 -11.64 4.15
N ASP A 261 -8.16 -10.55 3.38
CA ASP A 261 -9.45 -10.10 2.90
C ASP A 261 -9.68 -10.39 1.42
N THR A 262 -8.82 -11.18 0.79
CA THR A 262 -8.94 -11.47 -0.63
C THR A 262 -9.78 -12.72 -0.83
N SER A 263 -10.86 -12.59 -1.58
CA SER A 263 -11.71 -13.74 -1.88
C SER A 263 -11.05 -14.63 -2.92
N ILE A 264 -11.41 -15.91 -2.92
CA ILE A 264 -10.79 -16.90 -3.79
C ILE A 264 -11.86 -17.48 -4.70
N ILE A 265 -11.59 -17.50 -6.00
CA ILE A 265 -12.43 -18.17 -6.98
C ILE A 265 -11.79 -19.53 -7.25
N LEU A 266 -12.51 -20.60 -6.94
CA LEU A 266 -11.96 -21.95 -7.02
C LEU A 266 -12.56 -22.66 -8.23
N PHE A 267 -11.70 -23.14 -9.12
CA PHE A 267 -12.11 -23.89 -10.30
C PHE A 267 -11.76 -25.36 -10.13
N LEU A 268 -12.72 -26.23 -10.37
CA LEU A 268 -12.55 -27.68 -10.31
C LEU A 268 -12.58 -28.20 -11.73
N ASN A 269 -11.40 -28.44 -12.30
CA ASN A 269 -11.25 -28.74 -13.72
C ASN A 269 -11.36 -30.24 -13.98
N LYS A 270 -11.59 -30.59 -15.25
CA LYS A 270 -11.60 -31.97 -15.73
C LYS A 270 -12.63 -32.82 -14.97
N LYS A 271 -13.89 -32.43 -15.10
CA LYS A 271 -14.96 -33.14 -14.38
C LYS A 271 -15.27 -34.49 -15.02
N ASP A 272 -15.18 -34.53 -16.36
CA ASP A 272 -15.65 -35.67 -17.19
C ASP A 272 -14.61 -36.80 -17.15
N LEU A 273 -13.33 -36.46 -17.02
CA LEU A 273 -12.25 -37.48 -16.83
C LEU A 273 -12.29 -37.97 -15.38
N PHE A 274 -12.55 -37.07 -14.44
CA PHE A 274 -12.74 -37.44 -13.00
C PHE A 274 -13.86 -38.48 -12.89
N GLU A 275 -14.99 -38.19 -13.54
CA GLU A 275 -16.19 -39.07 -13.55
C GLU A 275 -15.82 -40.45 -14.09
N GLU A 276 -15.16 -40.51 -15.25
CA GLU A 276 -14.82 -41.81 -15.90
C GLU A 276 -13.94 -42.64 -14.95
N LYS A 277 -13.00 -42.00 -14.26
CA LYS A 277 -12.04 -42.71 -13.38
C LYS A 277 -12.78 -43.33 -12.19
N ILE A 278 -13.69 -42.59 -11.54
CA ILE A 278 -14.23 -43.01 -10.21
C ILE A 278 -15.15 -44.22 -10.36
N LYS A 279 -15.46 -44.61 -11.60
CA LYS A 279 -16.18 -45.89 -11.86
C LYS A 279 -15.24 -47.06 -11.53
N LYS A 280 -13.93 -46.84 -11.71
CA LYS A 280 -12.90 -47.88 -11.41
C LYS A 280 -12.31 -47.61 -10.03
N SER A 281 -11.55 -46.53 -9.89
CA SER A 281 -10.77 -46.24 -8.65
C SER A 281 -11.62 -45.42 -7.68
N PRO A 282 -11.76 -45.83 -6.40
CA PRO A 282 -12.54 -45.07 -5.41
C PRO A 282 -11.84 -43.78 -4.95
N LEU A 283 -12.60 -42.85 -4.37
CA LEU A 283 -12.05 -41.58 -3.81
C LEU A 283 -11.38 -41.86 -2.46
N THR A 284 -11.62 -43.04 -1.88
CA THR A 284 -11.05 -43.40 -0.56
C THR A 284 -9.53 -43.49 -0.63
N ILE A 285 -8.96 -43.67 -1.83
CA ILE A 285 -7.48 -43.73 -1.99
C ILE A 285 -6.88 -42.33 -1.75
N CYS A 286 -7.67 -41.28 -2.01
CA CYS A 286 -7.23 -39.89 -1.74
C CYS A 286 -7.60 -39.49 -0.31
N TYR A 287 -8.84 -39.76 0.10
CA TYR A 287 -9.30 -39.46 1.49
C TYR A 287 -9.60 -40.78 2.21
N PRO A 288 -8.65 -41.35 2.98
CA PRO A 288 -8.87 -42.63 3.67
C PRO A 288 -10.12 -42.59 4.57
N GLU A 289 -10.35 -41.47 5.24
CA GLU A 289 -11.44 -41.38 6.22
C GLU A 289 -12.80 -41.29 5.55
N TYR A 290 -12.83 -41.10 4.23
CA TYR A 290 -14.11 -41.04 3.52
C TYR A 290 -14.80 -42.39 3.52
N ALA A 291 -16.12 -42.36 3.53
CA ALA A 291 -16.93 -43.59 3.48
C ALA A 291 -18.28 -43.24 2.90
N GLY A 292 -18.58 -43.80 1.71
CA GLY A 292 -19.85 -43.53 1.07
C GLY A 292 -19.89 -44.13 -0.31
N SER A 293 -21.00 -43.88 -1.00
CA SER A 293 -21.17 -44.39 -2.36
C SER A 293 -20.20 -43.69 -3.30
N ASN A 294 -20.07 -44.23 -4.52
CA ASN A 294 -19.18 -43.66 -5.52
C ASN A 294 -20.01 -43.19 -6.72
N THR A 295 -20.13 -41.88 -6.86
CA THR A 295 -20.69 -41.28 -8.06
C THR A 295 -20.18 -39.84 -8.15
N TYR A 296 -20.43 -39.21 -9.30
CA TYR A 296 -19.84 -37.90 -9.57
C TYR A 296 -20.31 -36.85 -8.58
N GLU A 297 -21.62 -36.83 -8.28
CA GLU A 297 -22.17 -35.77 -7.46
C GLU A 297 -21.60 -35.81 -6.05
N GLU A 298 -21.56 -37.00 -5.45
CA GLU A 298 -21.21 -37.18 -4.01
C GLU A 298 -19.68 -37.07 -3.84
N ALA A 299 -18.90 -37.29 -4.90
CA ALA A 299 -17.44 -37.10 -4.83
C ALA A 299 -17.07 -35.65 -5.07
N ALA A 300 -17.73 -34.99 -6.03
CA ALA A 300 -17.50 -33.56 -6.24
C ALA A 300 -17.88 -32.77 -5.01
N ALA A 301 -19.01 -33.09 -4.38
CA ALA A 301 -19.42 -32.39 -3.18
C ALA A 301 -18.43 -32.60 -2.05
N TYR A 302 -17.93 -33.83 -1.89
CA TYR A 302 -16.99 -34.11 -0.82
C TYR A 302 -15.67 -33.37 -1.01
N ILE A 303 -15.15 -33.37 -2.23
CA ILE A 303 -13.91 -32.65 -2.50
C ILE A 303 -14.11 -31.15 -2.29
N GLN A 304 -15.24 -30.61 -2.75
CA GLN A 304 -15.51 -29.19 -2.56
C GLN A 304 -15.58 -28.84 -1.09
N CYS A 305 -16.25 -29.67 -0.28
CA CYS A 305 -16.35 -29.40 1.15
C CYS A 305 -14.98 -29.52 1.82
N GLN A 306 -14.12 -30.40 1.30
CA GLN A 306 -12.73 -30.57 1.84
C GLN A 306 -11.91 -29.29 1.62
N PHE A 307 -12.01 -28.67 0.45
CA PHE A 307 -11.16 -27.50 0.09
C PHE A 307 -11.66 -26.24 0.81
N GLU A 308 -12.97 -26.17 1.09
CA GLU A 308 -13.58 -24.97 1.70
C GLU A 308 -13.45 -25.04 3.23
N ASP A 309 -13.14 -26.22 3.77
CA ASP A 309 -12.86 -26.39 5.22
C ASP A 309 -11.51 -25.77 5.58
N LEU A 310 -10.61 -25.65 4.61
CA LEU A 310 -9.25 -25.10 4.85
C LEU A 310 -9.34 -23.58 5.06
N ASN A 311 -10.55 -23.00 5.03
CA ASN A 311 -10.66 -21.56 5.24
C ASN A 311 -10.74 -21.26 6.72
N LYS A 312 -9.70 -20.64 7.27
CA LYS A 312 -9.72 -20.20 8.66
C LYS A 312 -10.31 -18.81 8.82
N ARG A 313 -10.18 -17.96 7.80
CA ARG A 313 -10.74 -16.61 7.84
C ARG A 313 -12.17 -16.60 7.29
N LYS A 314 -13.06 -17.24 8.03
CA LYS A 314 -14.44 -17.40 7.58
C LYS A 314 -15.16 -16.06 7.55
N ASP A 315 -14.88 -15.19 8.51
CA ASP A 315 -15.63 -13.93 8.63
C ASP A 315 -15.21 -12.91 7.59
N THR A 316 -13.95 -12.99 7.11
CA THR A 316 -13.45 -11.93 6.24
C THR A 316 -13.50 -12.29 4.76
N LYS A 317 -13.27 -13.55 4.40
CA LYS A 317 -13.15 -13.92 3.01
C LYS A 317 -14.12 -15.06 2.68
N GLU A 318 -14.45 -15.18 1.40
CA GLU A 318 -15.40 -16.16 0.91
C GLU A 318 -14.83 -16.88 -0.30
N ILE A 319 -15.19 -18.15 -0.45
CA ILE A 319 -14.71 -18.99 -1.55
C ILE A 319 -15.86 -19.26 -2.50
N TYR A 320 -15.65 -18.98 -3.78
CA TYR A 320 -16.64 -19.22 -4.83
C TYR A 320 -16.16 -20.40 -5.67
N THR A 321 -16.87 -21.51 -5.57
CA THR A 321 -16.47 -22.75 -6.23
C THR A 321 -17.27 -22.95 -7.50
N HIS A 322 -16.62 -23.47 -8.54
CA HIS A 322 -17.26 -23.73 -9.82
C HIS A 322 -16.66 -24.99 -10.44
N PHE A 323 -17.42 -25.62 -11.33
CA PHE A 323 -16.94 -26.78 -12.08
C PHE A 323 -16.78 -26.37 -13.53
N THR A 324 -15.53 -26.38 -14.02
CA THR A 324 -15.27 -25.85 -15.40
C THR A 324 -16.09 -26.67 -16.41
N CYS A 325 -17.05 -26.01 -17.05
CA CYS A 325 -17.80 -26.53 -18.22
C CYS A 325 -17.17 -26.02 -19.51
N SER A 326 -17.47 -26.67 -20.63
CA SER A 326 -17.09 -26.17 -21.98
C SER A 326 -18.34 -25.72 -22.72
N THR A 327 -19.04 -24.71 -22.19
CA THR A 327 -20.31 -24.21 -22.78
C THR A 327 -20.30 -22.69 -22.83
N ASP A 328 -20.30 -22.12 -24.04
CA ASP A 328 -20.35 -20.64 -24.24
C ASP A 328 -19.23 -19.97 -23.43
N THR A 329 -19.57 -18.91 -22.69
CA THR A 329 -18.61 -18.19 -21.82
C THR A 329 -19.12 -18.20 -20.37
N LYS A 330 -19.70 -19.33 -19.94
CA LYS A 330 -20.28 -19.44 -18.58
C LYS A 330 -19.17 -19.35 -17.52
N ASN A 331 -17.92 -19.65 -17.92
CA ASN A 331 -16.77 -19.56 -16.98
C ASN A 331 -16.44 -18.08 -16.74
N VAL A 332 -16.50 -17.26 -17.80
CA VAL A 332 -16.22 -15.80 -17.71
C VAL A 332 -17.39 -15.12 -17.00
N GLN A 333 -18.61 -15.60 -17.20
CA GLN A 333 -19.81 -15.11 -16.48
C GLN A 333 -19.63 -15.35 -14.98
N PHE A 334 -19.17 -16.55 -14.60
CA PHE A 334 -18.93 -16.86 -13.16
C PHE A 334 -17.93 -15.85 -12.57
N VAL A 335 -16.79 -15.65 -13.22
CA VAL A 335 -15.75 -14.69 -12.74
C VAL A 335 -16.39 -13.30 -12.61
N PHE A 336 -17.14 -12.85 -13.63
CA PHE A 336 -17.83 -11.54 -13.62
C PHE A 336 -18.73 -11.43 -12.38
N ASP A 337 -19.63 -12.40 -12.20
CA ASP A 337 -20.64 -12.40 -11.12
C ASP A 337 -19.98 -12.45 -9.74
N ALA A 338 -18.81 -13.09 -9.64
CA ALA A 338 -18.08 -13.22 -8.36
C ALA A 338 -17.33 -11.92 -8.05
N VAL A 339 -16.77 -11.27 -9.08
CA VAL A 339 -16.00 -10.01 -8.92
C VAL A 339 -16.98 -8.87 -8.59
N THR A 340 -18.15 -8.82 -9.23
CA THR A 340 -19.14 -7.82 -8.89
C THR A 340 -19.66 -8.01 -7.47
N ASP A 341 -19.85 -9.27 -7.06
CA ASP A 341 -20.24 -9.53 -5.68
C ASP A 341 -19.19 -9.03 -4.71
N VAL A 342 -17.92 -9.26 -5.01
CA VAL A 342 -16.83 -8.79 -4.15
C VAL A 342 -16.86 -7.27 -4.03
N ILE A 343 -17.00 -6.58 -5.15
CA ILE A 343 -17.01 -5.11 -5.14
C ILE A 343 -18.19 -4.59 -4.32
N ILE A 344 -19.37 -5.15 -4.55
CA ILE A 344 -20.57 -4.69 -3.86
C ILE A 344 -20.44 -4.93 -2.36
N LYS A 345 -19.91 -6.08 -1.96
CA LYS A 345 -19.75 -6.34 -0.54
C LYS A 345 -18.71 -5.43 0.10
N ASN A 346 -17.66 -5.08 -0.65
CA ASN A 346 -16.63 -4.13 -0.12
C ASN A 346 -17.29 -2.78 0.18
N ASN A 347 -18.22 -2.35 -0.70
CA ASN A 347 -18.85 -1.01 -0.61
C ASN A 347 -19.88 -1.00 0.53
N LEU A 348 -20.55 -2.15 0.77
CA LEU A 348 -21.45 -2.32 1.94
C LEU A 348 -20.62 -2.33 3.22
N LYS A 349 -19.44 -2.96 3.26
CA LYS A 349 -18.64 -2.86 4.48
C LYS A 349 -18.18 -1.43 4.72
N ASP A 350 -17.75 -0.73 3.68
CA ASP A 350 -17.32 0.65 3.84
C ASP A 350 -18.47 1.53 4.34
N CYS A 351 -19.68 1.30 3.83
CA CYS A 351 -20.84 2.04 4.28
C CYS A 351 -21.27 1.66 5.70
N GLY A 352 -20.87 0.50 6.20
CA GLY A 352 -21.24 0.06 7.54
C GLY A 352 -22.38 -0.92 7.61
N LEU A 353 -22.78 -1.53 6.49
CA LEU A 353 -23.94 -2.39 6.42
C LEU A 353 -23.60 -3.85 6.17
N PHE A 354 -22.36 -4.26 6.45
CA PHE A 354 -21.95 -5.63 6.19
C PHE A 354 -20.72 -5.99 7.02
N ASP B 23 27.31 -40.27 -1.38
CA ASP B 23 28.60 -40.93 -1.60
C ASP B 23 29.45 -40.77 -0.34
N GLN B 24 30.77 -40.91 -0.47
CA GLN B 24 31.69 -40.90 0.70
C GLN B 24 32.63 -39.70 0.58
N LEU B 25 32.26 -38.72 -0.25
CA LEU B 25 33.05 -37.46 -0.40
C LEU B 25 32.65 -36.50 0.74
N ARG B 26 31.58 -36.83 1.48
CA ARG B 26 31.06 -35.95 2.55
C ARG B 26 32.02 -35.95 3.74
N GLN B 27 32.73 -37.05 3.96
CA GLN B 27 33.72 -37.15 5.08
C GLN B 27 34.84 -36.13 4.85
N GLU B 28 35.41 -36.11 3.64
CA GLU B 28 36.50 -35.16 3.29
C GLU B 28 35.95 -33.72 3.37
N ALA B 29 34.74 -33.50 2.85
CA ALA B 29 34.10 -32.16 2.90
C ALA B 29 33.98 -31.71 4.36
N GLU B 30 33.63 -32.63 5.26
CA GLU B 30 33.39 -32.29 6.69
C GLU B 30 34.72 -31.91 7.35
N GLN B 31 35.79 -32.65 7.07
CA GLN B 31 37.09 -32.39 7.76
C GLN B 31 37.67 -31.07 7.24
N LEU B 32 37.37 -30.68 6.00
CA LEU B 32 37.81 -29.38 5.45
C LEU B 32 37.01 -28.25 6.12
N LYS B 33 35.71 -28.45 6.32
CA LYS B 33 34.89 -27.50 7.13
C LYS B 33 35.56 -27.28 8.49
N ASN B 34 36.03 -28.36 9.12
CA ASN B 34 36.61 -28.29 10.49
C ASN B 34 37.96 -27.57 10.46
N GLN B 35 38.72 -27.73 9.37
CA GLN B 35 40.02 -27.02 9.20
C GLN B 35 39.77 -25.51 9.14
N ILE B 36 38.84 -25.07 8.29
CA ILE B 36 38.51 -23.61 8.16
C ILE B 36 38.14 -23.08 9.55
N ARG B 37 37.22 -23.76 10.23
CA ARG B 37 36.72 -23.32 11.56
C ARG B 37 37.90 -23.12 12.52
N ASP B 38 38.82 -24.09 12.56
CA ASP B 38 39.94 -24.06 13.54
C ASP B 38 40.93 -22.94 13.18
N ALA B 39 41.16 -22.70 11.89
CA ALA B 39 42.03 -21.57 11.46
C ALA B 39 41.39 -20.23 11.86
N ARG B 40 40.10 -20.04 11.59
CA ARG B 40 39.44 -18.75 11.92
C ARG B 40 39.57 -18.47 13.43
N LYS B 41 39.52 -19.53 14.25
CA LYS B 41 39.54 -19.39 15.72
C LYS B 41 40.92 -18.94 16.20
N ALA B 42 41.99 -19.41 15.54
CA ALA B 42 43.38 -19.05 15.91
C ALA B 42 43.64 -17.57 15.61
N CYS B 43 42.90 -17.00 14.66
CA CYS B 43 43.10 -15.59 14.23
C CYS B 43 42.33 -14.65 15.18
N ALA B 44 41.30 -15.15 15.86
CA ALA B 44 40.63 -14.38 16.92
C ALA B 44 41.60 -14.20 18.10
N ASP B 45 41.89 -12.95 18.46
CA ASP B 45 42.74 -12.66 19.65
C ASP B 45 42.12 -11.53 20.47
N ALA B 46 41.41 -10.61 19.82
CA ALA B 46 40.78 -9.46 20.54
C ALA B 46 39.62 -8.92 19.70
N THR B 47 38.41 -8.95 20.26
CA THR B 47 37.21 -8.50 19.51
C THR B 47 37.32 -7.01 19.21
N LEU B 48 36.75 -6.56 18.09
CA LEU B 48 36.69 -5.11 17.76
C LEU B 48 36.26 -4.34 19.01
N SER B 49 35.36 -4.92 19.81
CA SER B 49 34.69 -4.19 20.92
C SER B 49 35.65 -4.01 22.11
N GLN B 50 36.74 -4.80 22.17
CA GLN B 50 37.78 -4.63 23.21
C GLN B 50 38.79 -3.58 22.76
N ILE B 51 38.91 -3.36 21.45
CA ILE B 51 39.93 -2.45 20.87
C ILE B 51 39.33 -1.05 20.75
N THR B 52 38.13 -0.93 20.19
CA THR B 52 37.38 0.34 20.17
C THR B 52 36.64 0.52 21.50
N ASN B 53 37.40 0.66 22.60
CA ASN B 53 36.83 0.74 23.96
C ASN B 53 37.20 2.11 24.57
N ASN B 54 38.32 2.68 24.12
CA ASN B 54 38.75 4.03 24.59
C ASN B 54 38.29 5.09 23.58
N ILE B 55 37.43 4.72 22.64
CA ILE B 55 36.99 5.66 21.56
C ILE B 55 35.80 6.47 22.08
N ASP B 56 35.86 7.79 21.96
CA ASP B 56 34.76 8.71 22.37
C ASP B 56 33.51 8.38 21.56
N PRO B 57 32.31 8.11 22.16
CA PRO B 57 31.10 7.83 21.37
C PRO B 57 30.73 8.95 20.40
N VAL B 58 29.99 8.59 19.34
CA VAL B 58 29.64 9.54 18.25
C VAL B 58 28.84 10.72 18.83
N GLY B 59 27.83 10.44 19.66
CA GLY B 59 26.88 11.47 20.11
C GLY B 59 25.58 11.42 19.31
N ARG B 60 24.46 11.76 19.95
CA ARG B 60 23.11 11.57 19.36
C ARG B 60 23.01 12.34 18.03
N ILE B 61 22.48 11.69 17.00
CA ILE B 61 22.42 12.26 15.62
C ILE B 61 21.02 12.82 15.35
N GLN B 62 20.93 14.12 15.09
CA GLN B 62 19.62 14.72 14.73
C GLN B 62 19.60 15.06 13.23
N MET B 63 19.10 14.13 12.41
CA MET B 63 18.79 14.41 10.98
C MET B 63 17.30 14.71 10.86
N ARG B 64 16.96 15.71 10.05
CA ARG B 64 15.54 16.15 9.90
C ARG B 64 15.20 16.22 8.41
N THR B 65 14.08 15.63 7.99
CA THR B 65 13.81 15.54 6.57
C THR B 65 13.83 16.92 5.91
N ARG B 66 14.67 17.05 4.88
CA ARG B 66 14.90 18.33 4.16
C ARG B 66 13.96 18.41 2.94
N ARG B 67 13.90 17.33 2.15
CA ARG B 67 12.99 17.26 0.97
C ARG B 67 11.99 16.11 1.18
N THR B 68 10.84 16.18 0.49
CA THR B 68 9.92 15.02 0.33
C THR B 68 9.46 14.97 -1.12
N LEU B 69 9.93 13.96 -1.87
CA LEU B 69 9.59 13.86 -3.28
C LEU B 69 8.29 13.08 -3.45
N ARG B 70 7.38 13.62 -4.26
CA ARG B 70 6.07 13.02 -4.48
C ARG B 70 5.83 12.81 -5.97
N GLY B 71 4.98 11.85 -6.30
CA GLY B 71 4.70 11.55 -7.68
C GLY B 71 4.50 10.08 -8.00
N HIS B 72 5.06 9.19 -7.19
CA HIS B 72 4.81 7.77 -7.37
C HIS B 72 3.45 7.41 -6.77
N LEU B 73 2.72 6.54 -7.46
CA LEU B 73 1.37 6.16 -7.05
C LEU B 73 1.30 4.77 -6.44
N ALA B 74 2.43 4.09 -6.26
CA ALA B 74 2.45 2.75 -5.71
C ALA B 74 3.69 2.61 -4.85
N LYS B 75 3.88 1.40 -4.30
CA LYS B 75 5.05 1.06 -3.45
C LYS B 75 6.34 1.32 -4.23
N ILE B 76 7.25 2.11 -3.66
CA ILE B 76 8.66 2.22 -4.15
C ILE B 76 9.41 0.94 -3.74
N TYR B 77 10.30 0.45 -4.60
CA TYR B 77 11.08 -0.78 -4.30
C TYR B 77 12.58 -0.46 -4.33
N ALA B 78 13.01 0.47 -5.18
CA ALA B 78 14.44 0.72 -5.35
C ALA B 78 14.68 2.20 -5.59
N MET B 79 15.89 2.63 -5.24
CA MET B 79 16.46 3.94 -5.65
C MET B 79 17.98 3.79 -5.83
N HIS B 80 18.58 4.67 -6.63
CA HIS B 80 20.07 4.76 -6.73
C HIS B 80 20.46 6.22 -6.97
N TRP B 81 21.37 6.74 -6.14
CA TRP B 81 21.90 8.11 -6.30
C TRP B 81 22.75 8.19 -7.56
N GLY B 82 22.90 9.39 -8.12
CA GLY B 82 23.89 9.58 -9.16
C GLY B 82 25.26 9.91 -8.60
N THR B 83 26.28 9.72 -9.44
CA THR B 83 27.63 10.08 -9.02
C THR B 83 27.83 11.59 -8.95
N ASP B 84 26.93 12.36 -9.57
CA ASP B 84 26.97 13.81 -9.47
C ASP B 84 26.34 14.33 -8.19
N SER B 85 25.77 13.42 -7.40
CA SER B 85 25.33 13.67 -6.00
C SER B 85 24.14 14.65 -5.97
N ARG B 86 23.41 14.76 -7.08
CA ARG B 86 22.25 15.69 -7.21
C ARG B 86 21.06 14.93 -7.80
N LEU B 87 21.31 14.12 -8.84
CA LEU B 87 20.23 13.37 -9.52
C LEU B 87 20.10 11.99 -8.88
N LEU B 88 18.89 11.43 -8.91
CA LEU B 88 18.64 10.05 -8.40
C LEU B 88 17.46 9.43 -9.15
N VAL B 89 17.44 8.10 -9.26
CA VAL B 89 16.37 7.37 -9.98
C VAL B 89 15.65 6.45 -8.99
N SER B 90 14.33 6.24 -9.20
CA SER B 90 13.54 5.39 -8.34
C SER B 90 12.61 4.54 -9.20
N ALA B 91 12.11 3.46 -8.62
CA ALA B 91 11.22 2.52 -9.31
C ALA B 91 10.00 2.24 -8.44
N SER B 92 8.85 2.05 -9.08
CA SER B 92 7.61 1.81 -8.39
C SER B 92 6.80 0.73 -9.12
N GLN B 93 5.86 0.12 -8.39
CA GLN B 93 5.02 -0.92 -8.95
C GLN B 93 4.01 -0.41 -9.96
N ASP B 94 3.83 0.90 -10.06
CA ASP B 94 2.96 1.46 -11.10
C ASP B 94 3.66 1.59 -12.43
N GLY B 95 4.83 0.97 -12.60
CA GLY B 95 5.52 0.96 -13.87
C GLY B 95 6.08 2.30 -14.31
N LYS B 96 6.62 3.08 -13.38
CA LYS B 96 7.22 4.37 -13.71
C LYS B 96 8.63 4.42 -13.14
N LEU B 97 9.55 4.98 -13.92
CA LEU B 97 10.93 5.19 -13.51
C LEU B 97 11.20 6.69 -13.60
N ILE B 98 11.10 7.37 -12.46
CA ILE B 98 11.22 8.82 -12.42
C ILE B 98 12.66 9.20 -12.06
N ILE B 99 13.19 10.20 -12.74
CA ILE B 99 14.51 10.76 -12.41
C ILE B 99 14.29 12.14 -11.79
N TRP B 100 14.78 12.32 -10.58
CA TRP B 100 14.52 13.54 -9.81
C TRP B 100 15.74 14.46 -9.84
N ASP B 101 15.48 15.73 -9.55
CA ASP B 101 16.53 16.70 -9.21
C ASP B 101 16.33 17.01 -7.73
N SER B 102 17.22 16.49 -6.90
CA SER B 102 17.02 16.54 -5.45
C SER B 102 17.13 17.96 -4.91
N TYR B 103 17.94 18.82 -5.54
CA TYR B 103 18.12 20.17 -5.04
C TYR B 103 16.84 20.99 -5.16
N THR B 104 16.12 20.85 -6.28
CA THR B 104 14.95 21.66 -6.56
C THR B 104 13.64 20.88 -6.50
N THR B 105 13.70 19.57 -6.27
CA THR B 105 12.52 18.70 -6.32
C THR B 105 11.80 18.85 -7.65
N ASN B 106 12.46 18.47 -8.74
CA ASN B 106 11.91 18.56 -10.08
C ASN B 106 11.99 17.21 -10.77
N LYS B 107 10.87 16.77 -11.34
CA LYS B 107 10.86 15.54 -12.13
C LYS B 107 11.49 15.84 -13.48
N VAL B 108 12.62 15.19 -13.77
CA VAL B 108 13.34 15.44 -15.02
C VAL B 108 12.88 14.48 -16.11
N HIS B 109 12.74 13.20 -15.78
CA HIS B 109 12.31 12.20 -16.74
C HIS B 109 11.26 11.30 -16.09
N ALA B 110 10.51 10.60 -16.92
CA ALA B 110 9.55 9.61 -16.45
C ALA B 110 9.40 8.51 -17.49
N ILE B 111 10.05 7.37 -17.28
CA ILE B 111 10.11 6.31 -18.26
C ILE B 111 9.00 5.29 -18.01
N PRO B 112 8.11 5.05 -18.97
CA PRO B 112 7.11 3.99 -18.81
C PRO B 112 7.72 2.63 -19.11
N LEU B 113 7.62 1.71 -18.15
CA LEU B 113 8.19 0.39 -18.28
C LEU B 113 7.22 -0.56 -18.96
N ARG B 114 7.76 -1.53 -19.71
CA ARG B 114 6.91 -2.55 -20.31
C ARG B 114 6.24 -3.42 -19.25
N SER B 115 6.95 -3.77 -18.19
CA SER B 115 6.41 -4.55 -17.09
C SER B 115 6.47 -3.69 -15.83
N SER B 116 5.35 -3.64 -15.10
CA SER B 116 5.29 -2.86 -13.88
C SER B 116 5.80 -3.63 -12.67
N TRP B 117 6.17 -4.90 -12.84
CA TRP B 117 6.73 -5.70 -11.75
C TRP B 117 8.23 -5.51 -11.75
N VAL B 118 8.66 -4.38 -11.19
CA VAL B 118 10.07 -4.01 -11.12
C VAL B 118 10.51 -4.13 -9.66
N MET B 119 11.68 -4.72 -9.44
CA MET B 119 12.19 -4.96 -8.11
C MET B 119 13.54 -4.32 -7.84
N THR B 120 14.15 -3.67 -8.84
CA THR B 120 15.46 -3.07 -8.68
C THR B 120 15.68 -2.04 -9.78
N CYS B 121 16.66 -1.17 -9.57
CA CYS B 121 17.08 -0.20 -10.57
C CYS B 121 18.49 0.26 -10.23
N ALA B 122 19.19 0.76 -11.24
CA ALA B 122 20.55 1.26 -11.06
C ALA B 122 20.76 2.45 -11.97
N TYR B 123 21.66 3.34 -11.59
CA TYR B 123 21.93 4.54 -12.36
C TYR B 123 23.41 4.57 -12.73
N ALA B 124 23.69 4.76 -14.01
CA ALA B 124 25.05 4.59 -14.51
C ALA B 124 26.01 5.61 -13.91
N PRO B 125 27.24 5.21 -13.59
CA PRO B 125 28.22 6.17 -13.05
C PRO B 125 28.54 7.31 -14.01
N SER B 126 28.49 7.06 -15.32
CA SER B 126 28.69 8.12 -16.29
C SER B 126 27.50 9.05 -16.41
N GLY B 127 26.31 8.61 -15.99
CA GLY B 127 25.14 9.46 -16.01
C GLY B 127 24.32 9.39 -17.28
N ASN B 128 24.51 8.38 -18.12
CA ASN B 128 23.79 8.32 -19.39
C ASN B 128 22.76 7.19 -19.44
N TYR B 129 22.83 6.21 -18.55
CA TYR B 129 22.01 5.01 -18.63
C TYR B 129 21.35 4.72 -17.29
N VAL B 130 20.25 3.98 -17.34
CA VAL B 130 19.59 3.41 -16.17
C VAL B 130 19.19 1.98 -16.50
N ALA B 131 18.96 1.18 -15.47
CA ALA B 131 18.58 -0.21 -15.61
C ALA B 131 17.33 -0.51 -14.80
N CYS B 132 16.69 -1.63 -15.12
CA CYS B 132 15.47 -2.06 -14.45
C CYS B 132 15.41 -3.59 -14.49
N GLY B 133 14.50 -4.15 -13.70
CA GLY B 133 14.28 -5.58 -13.67
C GLY B 133 13.34 -6.00 -12.57
N GLY B 134 12.77 -7.19 -12.68
CA GLY B 134 11.86 -7.66 -11.65
C GLY B 134 11.30 -9.04 -11.93
N LEU B 135 9.99 -9.20 -11.72
CA LEU B 135 9.36 -10.50 -11.94
C LEU B 135 9.46 -10.96 -13.39
N ASP B 136 9.61 -10.02 -14.33
CA ASP B 136 10.11 -10.38 -15.65
C ASP B 136 11.61 -10.63 -15.56
N ASN B 137 12.05 -11.77 -16.06
CA ASN B 137 13.45 -12.16 -15.89
C ASN B 137 14.34 -11.46 -16.92
N ILE B 138 14.23 -10.14 -17.01
CA ILE B 138 14.90 -9.38 -18.06
C ILE B 138 15.43 -8.07 -17.47
N CYS B 139 16.64 -7.69 -17.86
CA CYS B 139 17.20 -6.39 -17.47
C CYS B 139 17.11 -5.45 -18.67
N SER B 140 16.44 -4.33 -18.49
CA SER B 140 16.24 -3.36 -19.56
C SER B 140 17.07 -2.11 -19.28
N ILE B 141 17.76 -1.61 -20.30
CA ILE B 141 18.68 -0.48 -20.16
C ILE B 141 18.19 0.64 -21.06
N TYR B 142 18.14 1.85 -20.52
CA TYR B 142 17.55 3.01 -21.20
C TYR B 142 18.62 4.04 -21.46
N ASN B 143 18.67 4.57 -22.68
CA ASN B 143 19.63 5.61 -23.05
C ASN B 143 19.02 6.96 -22.73
N LEU B 144 19.37 7.52 -21.57
CA LEU B 144 18.83 8.79 -21.15
C LEU B 144 19.27 9.92 -22.07
N LYS B 145 20.53 9.92 -22.49
CA LYS B 145 21.12 11.02 -23.23
C LYS B 145 21.16 10.64 -24.71
N THR B 146 20.23 11.19 -25.50
CA THR B 146 20.12 10.88 -26.91
C THR B 146 19.94 12.17 -27.69
N ARG B 147 19.79 12.04 -29.01
CA ARG B 147 19.72 13.19 -29.89
C ARG B 147 18.38 13.90 -29.87
N GLU B 148 17.33 13.24 -29.41
CA GLU B 148 15.98 13.81 -29.44
C GLU B 148 15.44 14.17 -28.07
N GLY B 149 16.12 13.79 -27.00
CA GLY B 149 15.62 14.08 -25.67
C GLY B 149 14.52 13.15 -25.21
N ASN B 150 14.22 12.12 -25.98
CA ASN B 150 13.22 11.12 -25.63
C ASN B 150 13.91 9.79 -25.37
N VAL B 151 13.62 9.20 -24.21
CA VAL B 151 14.33 8.01 -23.75
C VAL B 151 13.72 6.78 -24.39
N ARG B 152 14.58 5.88 -24.88
CA ARG B 152 14.15 4.65 -25.51
C ARG B 152 14.97 3.49 -24.96
N VAL B 153 14.39 2.29 -25.03
CA VAL B 153 15.01 1.09 -24.49
C VAL B 153 16.22 0.73 -25.32
N SER B 154 17.42 0.94 -24.75
CA SER B 154 18.64 0.68 -25.50
C SER B 154 18.89 -0.81 -25.68
N ARG B 155 18.69 -1.59 -24.62
CA ARG B 155 19.01 -3.01 -24.66
C ARG B 155 18.09 -3.76 -23.70
N GLU B 156 17.86 -5.04 -24.00
CA GLU B 156 17.18 -5.96 -23.10
C GLU B 156 18.05 -7.20 -22.95
N LEU B 157 18.30 -7.60 -21.71
CA LEU B 157 19.19 -8.72 -21.41
C LEU B 157 18.35 -9.88 -20.86
N ALA B 158 18.43 -11.03 -21.53
CA ALA B 158 17.67 -12.21 -21.16
C ALA B 158 18.62 -13.39 -20.95
N GLY B 159 18.17 -14.36 -20.17
CA GLY B 159 18.99 -15.52 -19.86
C GLY B 159 18.84 -16.03 -18.45
N HIS B 160 18.47 -15.15 -17.52
CA HIS B 160 18.18 -15.57 -16.15
C HIS B 160 16.88 -16.36 -16.11
N THR B 161 16.80 -17.34 -15.23
CA THR B 161 15.63 -18.19 -15.09
C THR B 161 14.69 -17.73 -13.97
N GLY B 162 15.13 -16.78 -13.14
CA GLY B 162 14.30 -16.27 -12.07
C GLY B 162 14.28 -14.75 -12.07
N TYR B 163 13.51 -14.20 -11.14
CA TYR B 163 13.34 -12.76 -11.07
C TYR B 163 14.68 -12.06 -10.79
N LEU B 164 14.86 -10.91 -11.42
CA LEU B 164 16.09 -10.14 -11.25
C LEU B 164 16.05 -9.40 -9.91
N SER B 165 16.95 -9.78 -8.99
CA SER B 165 16.92 -9.21 -7.65
C SER B 165 17.70 -7.90 -7.56
N CYS B 166 18.86 -7.82 -8.23
CA CYS B 166 19.70 -6.65 -8.14
C CYS B 166 20.51 -6.51 -9.42
N CYS B 167 21.00 -5.30 -9.66
CA CYS B 167 21.83 -5.01 -10.82
C CYS B 167 22.64 -3.76 -10.54
N ARG B 168 23.90 -3.75 -10.99
CA ARG B 168 24.80 -2.62 -10.76
C ARG B 168 25.68 -2.44 -11.99
N PHE B 169 25.82 -1.20 -12.46
CA PHE B 169 26.69 -0.90 -13.59
C PHE B 169 28.16 -1.03 -13.20
N LEU B 170 28.83 -2.04 -13.75
CA LEU B 170 30.28 -2.15 -13.56
C LEU B 170 31.00 -1.02 -14.28
N ASP B 171 30.63 -0.75 -15.52
CA ASP B 171 31.09 0.44 -16.24
C ASP B 171 29.98 0.83 -17.22
N ASP B 172 30.31 1.66 -18.21
CA ASP B 172 29.30 2.11 -19.16
C ASP B 172 28.90 1.01 -20.13
N ASN B 173 29.62 -0.11 -20.18
CA ASN B 173 29.30 -1.20 -21.10
C ASN B 173 29.15 -2.56 -20.43
N GLN B 174 29.34 -2.68 -19.12
CA GLN B 174 29.18 -3.95 -18.42
C GLN B 174 28.32 -3.75 -17.18
N ILE B 175 27.52 -4.77 -16.85
CA ILE B 175 26.59 -4.72 -15.73
C ILE B 175 26.56 -6.09 -15.08
N VAL B 176 26.40 -6.11 -13.76
CA VAL B 176 26.36 -7.34 -12.98
C VAL B 176 24.96 -7.50 -12.40
N THR B 177 24.36 -8.67 -12.59
CA THR B 177 23.00 -8.92 -12.14
C THR B 177 22.96 -10.17 -11.28
N SER B 178 21.99 -10.19 -10.36
CA SER B 178 21.70 -11.36 -9.54
C SER B 178 20.21 -11.68 -9.65
N SER B 179 19.90 -12.96 -9.47
CA SER B 179 18.60 -13.52 -9.89
C SER B 179 18.18 -14.60 -8.88
N GLY B 180 16.89 -14.94 -8.88
CA GLY B 180 16.34 -15.97 -8.02
C GLY B 180 16.60 -17.39 -8.46
N ASP B 181 17.33 -17.59 -9.56
CA ASP B 181 17.78 -18.92 -9.94
C ASP B 181 19.09 -19.31 -9.27
N THR B 182 19.41 -18.67 -8.15
CA THR B 182 20.60 -18.93 -7.33
C THR B 182 21.90 -18.63 -8.05
N THR B 183 21.87 -17.79 -9.09
CA THR B 183 23.08 -17.49 -9.86
C THR B 183 23.17 -15.98 -10.09
N CYS B 184 24.40 -15.52 -10.28
CA CYS B 184 24.70 -14.17 -10.74
C CYS B 184 25.33 -14.24 -12.12
N ALA B 185 25.43 -13.10 -12.78
CA ALA B 185 25.94 -13.06 -14.14
C ALA B 185 26.49 -11.68 -14.47
N LEU B 186 27.51 -11.64 -15.31
CA LEU B 186 28.05 -10.40 -15.85
C LEU B 186 27.74 -10.35 -17.34
N TRP B 187 27.33 -9.19 -17.81
CA TRP B 187 26.86 -9.01 -19.18
C TRP B 187 27.71 -8.01 -19.93
N ASP B 188 27.73 -8.14 -21.25
CA ASP B 188 28.28 -7.11 -22.14
C ASP B 188 27.10 -6.46 -22.84
N ILE B 189 26.89 -5.17 -22.57
CA ILE B 189 25.71 -4.47 -23.08
C ILE B 189 25.74 -4.41 -24.60
N GLU B 190 26.91 -4.14 -25.19
CA GLU B 190 27.00 -4.04 -26.63
C GLU B 190 26.66 -5.37 -27.31
N THR B 191 27.15 -6.48 -26.76
CA THR B 191 26.84 -7.79 -27.31
C THR B 191 25.46 -8.28 -26.91
N GLY B 192 25.12 -8.20 -25.63
CA GLY B 192 23.82 -8.62 -25.15
C GLY B 192 23.77 -9.99 -24.51
N GLN B 193 24.91 -10.68 -24.40
CA GLN B 193 24.96 -12.01 -23.80
C GLN B 193 25.88 -12.00 -22.58
N GLN B 194 25.53 -12.84 -21.61
CA GLN B 194 26.24 -12.89 -20.34
C GLN B 194 27.63 -13.50 -20.51
N THR B 195 28.66 -12.75 -20.14
CA THR B 195 30.03 -13.22 -20.28
C THR B 195 30.36 -14.30 -19.25
N THR B 196 29.99 -14.07 -18.00
CA THR B 196 30.39 -14.95 -16.90
C THR B 196 29.15 -15.29 -16.08
N THR B 197 29.18 -16.48 -15.49
CA THR B 197 28.11 -16.93 -14.59
C THR B 197 28.74 -17.41 -13.28
N PHE B 198 28.19 -16.94 -12.16
CA PHE B 198 28.70 -17.26 -10.83
C PHE B 198 27.74 -18.23 -10.17
N THR B 199 28.18 -19.48 -10.01
CA THR B 199 27.37 -20.55 -9.46
C THR B 199 27.95 -21.02 -8.14
N GLY B 200 27.07 -21.53 -7.28
CA GLY B 200 27.49 -22.03 -5.98
C GLY B 200 26.52 -21.77 -4.86
N HIS B 201 25.68 -20.75 -5.02
CA HIS B 201 24.63 -20.47 -4.03
C HIS B 201 23.56 -21.54 -4.10
N THR B 202 22.94 -21.85 -2.97
CA THR B 202 21.87 -22.82 -2.91
C THR B 202 20.51 -22.19 -2.64
N GLY B 203 20.42 -20.85 -2.61
CA GLY B 203 19.18 -20.15 -2.39
C GLY B 203 19.09 -18.92 -3.26
N ASP B 204 17.93 -18.27 -3.20
CA ASP B 204 17.70 -17.06 -3.99
C ASP B 204 18.72 -15.99 -3.61
N VAL B 205 19.36 -15.41 -4.62
CA VAL B 205 20.31 -14.31 -4.39
C VAL B 205 19.50 -13.02 -4.28
N MET B 206 19.57 -12.37 -3.12
CA MET B 206 18.73 -11.21 -2.84
C MET B 206 19.45 -9.89 -3.01
N SER B 207 20.76 -9.85 -2.82
CA SER B 207 21.47 -8.57 -2.75
C SER B 207 22.80 -8.70 -3.46
N LEU B 208 23.47 -7.55 -3.61
CA LEU B 208 24.69 -7.46 -4.40
C LEU B 208 25.35 -6.11 -4.13
N SER B 209 26.69 -6.06 -4.12
CA SER B 209 27.41 -4.84 -3.83
C SER B 209 28.77 -4.88 -4.50
N LEU B 210 29.05 -3.87 -5.32
CA LEU B 210 30.33 -3.76 -6.02
C LEU B 210 31.39 -3.15 -5.11
N ALA B 211 32.63 -3.60 -5.29
CA ALA B 211 33.73 -3.06 -4.52
C ALA B 211 34.03 -1.62 -4.95
N PRO B 212 34.64 -0.82 -4.08
CA PRO B 212 34.97 0.56 -4.45
C PRO B 212 35.82 0.67 -5.70
N ASP B 213 36.73 -0.28 -5.90
CA ASP B 213 37.56 -0.33 -7.10
C ASP B 213 36.90 -1.12 -8.24
N THR B 214 35.69 -1.63 -8.04
CA THR B 214 34.95 -2.45 -9.01
C THR B 214 35.76 -3.66 -9.47
N ARG B 215 36.52 -4.26 -8.56
CA ARG B 215 37.35 -5.42 -8.87
C ARG B 215 36.78 -6.71 -8.31
N LEU B 216 36.05 -6.63 -7.20
CA LEU B 216 35.36 -7.75 -6.57
C LEU B 216 33.91 -7.35 -6.31
N PHE B 217 33.10 -8.31 -5.91
CA PHE B 217 31.75 -8.03 -5.44
C PHE B 217 31.24 -9.18 -4.57
N VAL B 218 30.37 -8.85 -3.63
CA VAL B 218 29.79 -9.82 -2.71
C VAL B 218 28.30 -9.98 -3.01
N SER B 219 27.71 -11.06 -2.52
CA SER B 219 26.30 -11.35 -2.72
C SER B 219 25.73 -12.07 -1.51
N GLY B 220 24.52 -11.70 -1.11
CA GLY B 220 23.81 -12.38 -0.05
C GLY B 220 22.67 -13.20 -0.65
N ALA B 221 22.40 -14.34 -0.04
CA ALA B 221 21.42 -15.27 -0.56
C ALA B 221 20.45 -15.72 0.53
N CYS B 222 19.46 -16.51 0.11
CA CYS B 222 18.46 -17.05 1.01
C CYS B 222 18.98 -18.25 1.81
N ASP B 223 20.13 -18.79 1.45
CA ASP B 223 20.75 -19.87 2.21
C ASP B 223 21.47 -19.38 3.45
N ALA B 224 21.24 -18.13 3.85
CA ALA B 224 21.83 -17.53 5.05
C ALA B 224 23.35 -17.49 4.98
N SER B 225 23.90 -17.23 3.80
CA SER B 225 25.34 -17.12 3.64
C SER B 225 25.67 -16.00 2.66
N ALA B 226 26.84 -15.41 2.85
CA ALA B 226 27.38 -14.40 1.96
C ALA B 226 28.66 -14.92 1.33
N LYS B 227 28.86 -14.61 0.05
CA LYS B 227 29.99 -15.16 -0.68
C LYS B 227 30.68 -14.06 -1.46
N LEU B 228 31.98 -14.22 -1.70
CA LEU B 228 32.76 -13.24 -2.44
C LEU B 228 33.15 -13.80 -3.80
N TRP B 229 33.12 -12.96 -4.82
CA TRP B 229 33.41 -13.35 -6.18
C TRP B 229 34.51 -12.49 -6.79
N ASP B 230 35.22 -13.07 -7.75
CA ASP B 230 36.20 -12.34 -8.55
C ASP B 230 35.63 -12.11 -9.94
N VAL B 231 35.65 -10.87 -10.40
CA VAL B 231 34.99 -10.52 -11.66
C VAL B 231 35.64 -11.23 -12.84
N ARG B 232 36.96 -11.27 -12.89
CA ARG B 232 37.65 -11.84 -14.04
C ARG B 232 37.59 -13.36 -14.03
N GLU B 233 38.03 -13.98 -12.94
CA GLU B 233 38.10 -15.43 -12.87
C GLU B 233 36.73 -16.09 -12.76
N GLY B 234 35.73 -15.39 -12.24
CA GLY B 234 34.42 -16.00 -12.07
C GLY B 234 34.41 -17.14 -11.08
N MET B 235 35.11 -16.97 -9.96
CA MET B 235 35.22 -18.02 -8.95
C MET B 235 34.93 -17.44 -7.57
N CYS B 236 34.43 -18.29 -6.69
CA CYS B 236 34.11 -17.90 -5.32
C CYS B 236 35.38 -18.01 -4.48
N ARG B 237 35.73 -16.93 -3.78
CA ARG B 237 36.96 -16.92 -3.00
C ARG B 237 36.69 -17.23 -1.53
N GLN B 238 35.56 -16.76 -1.00
CA GLN B 238 35.30 -16.85 0.42
C GLN B 238 33.82 -17.10 0.66
N THR B 239 33.51 -17.61 1.85
CA THR B 239 32.13 -17.82 2.28
C THR B 239 31.98 -17.31 3.71
N PHE B 240 30.77 -16.90 4.05
CA PHE B 240 30.51 -16.25 5.34
C PHE B 240 29.16 -16.74 5.85
N THR B 241 29.15 -17.40 7.00
CA THR B 241 27.94 -17.97 7.59
C THR B 241 27.81 -17.44 9.02
N GLY B 242 27.07 -16.35 9.18
CA GLY B 242 26.81 -15.80 10.50
C GLY B 242 25.34 -15.65 10.80
N HIS B 243 24.52 -15.59 9.75
CA HIS B 243 23.08 -15.41 9.92
C HIS B 243 22.36 -16.75 9.90
N GLU B 244 21.22 -16.80 10.57
CA GLU B 244 20.41 -18.01 10.67
C GLU B 244 19.20 -17.98 9.75
N SER B 245 18.95 -16.88 9.04
CA SER B 245 17.86 -16.78 8.10
C SER B 245 18.30 -15.97 6.89
N ASP B 246 17.33 -15.56 6.08
CA ASP B 246 17.61 -14.95 4.79
C ASP B 246 18.35 -13.63 4.96
N ILE B 247 19.24 -13.34 4.02
CA ILE B 247 19.94 -12.06 3.97
C ILE B 247 19.30 -11.22 2.88
N ASN B 248 18.86 -10.01 3.25
CA ASN B 248 18.11 -9.17 2.34
C ASN B 248 18.91 -8.01 1.75
N ALA B 249 19.99 -7.60 2.41
CA ALA B 249 20.77 -6.47 1.94
C ALA B 249 22.24 -6.68 2.28
N ILE B 250 23.11 -6.01 1.53
CA ILE B 250 24.55 -6.11 1.74
C ILE B 250 25.19 -4.84 1.19
N CYS B 251 26.29 -4.41 1.80
CA CYS B 251 26.95 -3.15 1.45
C CYS B 251 28.43 -3.21 1.80
N PHE B 252 29.27 -2.72 0.90
CA PHE B 252 30.71 -2.65 1.16
C PHE B 252 31.06 -1.49 2.08
N PHE B 253 32.02 -1.73 2.97
CA PHE B 253 32.61 -0.66 3.75
C PHE B 253 33.39 0.27 2.82
N PRO B 254 33.47 1.58 3.12
CA PRO B 254 34.16 2.51 2.23
C PRO B 254 35.60 2.14 1.94
N ASN B 255 36.27 1.51 2.91
CA ASN B 255 37.66 1.09 2.72
C ASN B 255 37.76 0.04 1.61
N GLY B 256 36.81 -0.89 1.55
CA GLY B 256 36.85 -1.97 0.61
C GLY B 256 37.34 -3.28 1.17
N ASN B 257 37.61 -3.36 2.48
CA ASN B 257 38.09 -4.57 3.12
C ASN B 257 37.07 -5.17 4.08
N ALA B 258 35.82 -4.70 4.06
CA ALA B 258 34.77 -5.22 4.92
C ALA B 258 33.42 -4.95 4.28
N PHE B 259 32.39 -5.59 4.81
CA PHE B 259 31.03 -5.36 4.33
C PHE B 259 30.05 -5.66 5.44
N ALA B 260 28.83 -5.16 5.27
CA ALA B 260 27.74 -5.36 6.22
C ALA B 260 26.60 -6.08 5.52
N THR B 261 25.90 -6.95 6.25
CA THR B 261 24.78 -7.71 5.73
C THR B 261 23.55 -7.48 6.59
N GLY B 262 22.40 -7.31 5.94
CA GLY B 262 21.12 -7.20 6.63
C GLY B 262 20.31 -8.45 6.40
N SER B 263 19.65 -8.92 7.47
CA SER B 263 18.99 -10.21 7.44
C SER B 263 17.64 -10.14 8.14
N ASP B 264 16.90 -11.24 8.04
CA ASP B 264 15.63 -11.39 8.75
C ASP B 264 15.82 -11.70 10.23
N ASP B 265 17.06 -11.92 10.68
CA ASP B 265 17.34 -12.20 12.07
C ASP B 265 17.12 -11.00 12.99
N ALA B 266 16.59 -9.89 12.45
CA ALA B 266 16.44 -8.64 13.19
C ALA B 266 17.79 -8.07 13.61
N THR B 267 18.85 -8.50 12.95
CA THR B 267 20.19 -8.04 13.27
C THR B 267 21.02 -7.98 12.00
N CYS B 268 21.98 -7.06 11.97
CA CYS B 268 22.94 -6.93 10.89
C CYS B 268 24.34 -7.19 11.43
N ARG B 269 25.21 -7.72 10.57
CA ARG B 269 26.54 -8.15 10.98
C ARG B 269 27.57 -7.52 10.05
N LEU B 270 28.79 -7.40 10.57
CA LEU B 270 29.91 -6.85 9.82
C LEU B 270 30.96 -7.94 9.66
N PHE B 271 31.37 -8.20 8.42
CA PHE B 271 32.37 -9.20 8.11
C PHE B 271 33.60 -8.52 7.53
N ASP B 272 34.76 -9.12 7.78
CA ASP B 272 36.03 -8.58 7.30
C ASP B 272 36.69 -9.58 6.37
N LEU B 273 37.16 -9.09 5.22
CA LEU B 273 37.70 -9.97 4.19
C LEU B 273 38.98 -10.66 4.65
N ARG B 274 39.89 -9.89 5.25
CA ARG B 274 41.20 -10.43 5.61
C ARG B 274 41.15 -11.36 6.81
N ALA B 275 40.17 -11.21 7.71
CA ALA B 275 40.04 -12.10 8.85
C ALA B 275 39.10 -13.27 8.61
N ASP B 276 38.27 -13.21 7.57
CA ASP B 276 37.35 -14.30 7.21
C ASP B 276 36.40 -14.65 8.35
N GLN B 277 35.90 -13.63 9.03
CA GLN B 277 34.94 -13.84 10.11
C GLN B 277 34.22 -12.54 10.39
N GLU B 278 33.05 -12.66 11.02
CA GLU B 278 32.29 -11.48 11.40
C GLU B 278 32.94 -10.78 12.59
N LEU B 279 32.77 -9.47 12.65
CA LEU B 279 33.35 -8.66 13.71
C LEU B 279 32.32 -8.17 14.71
N MET B 280 31.16 -7.71 14.22
CA MET B 280 30.19 -7.03 15.06
C MET B 280 28.80 -7.58 14.78
N THR B 281 27.92 -7.39 15.76
CA THR B 281 26.52 -7.80 15.67
C THR B 281 25.67 -6.69 16.25
N TYR B 282 24.88 -6.03 15.40
CA TYR B 282 24.04 -4.90 15.79
C TYR B 282 22.62 -5.45 15.99
N SER B 283 22.23 -5.60 17.25
CA SER B 283 20.89 -6.10 17.58
C SER B 283 20.38 -5.41 18.83
N HIS B 284 19.06 -5.48 19.01
CA HIS B 284 18.42 -4.93 20.20
C HIS B 284 17.11 -5.68 20.45
N ASP B 285 16.65 -5.64 21.70
CA ASP B 285 15.47 -6.38 22.09
C ASP B 285 14.19 -5.79 21.51
N ASN B 286 14.19 -4.51 21.17
CA ASN B 286 13.00 -3.85 20.64
C ASN B 286 12.81 -4.06 19.14
N ILE B 287 13.74 -4.71 18.47
CA ILE B 287 13.63 -4.98 17.03
C ILE B 287 13.42 -6.47 16.85
N ILE B 288 12.28 -6.83 16.25
CA ILE B 288 11.99 -8.22 15.88
C ILE B 288 11.59 -8.35 14.42
N CYS B 289 11.56 -7.25 13.66
CA CYS B 289 11.29 -7.28 12.24
C CYS B 289 12.57 -7.62 11.47
N GLY B 290 12.53 -7.46 10.15
CA GLY B 290 13.68 -7.76 9.31
C GLY B 290 14.29 -6.49 8.75
N ILE B 291 15.53 -6.59 8.31
CA ILE B 291 16.24 -5.48 7.69
C ILE B 291 16.06 -5.56 6.18
N THR B 292 15.65 -4.45 5.56
CA THR B 292 15.45 -4.42 4.12
C THR B 292 16.61 -3.81 3.37
N SER B 293 17.35 -2.91 4.00
CA SER B 293 18.46 -2.22 3.34
C SER B 293 19.46 -1.76 4.37
N VAL B 294 20.73 -1.72 3.96
CA VAL B 294 21.81 -1.17 4.78
C VAL B 294 22.68 -0.28 3.90
N SER B 295 23.37 0.66 4.52
CA SER B 295 24.34 1.49 3.82
C SER B 295 25.29 2.11 4.84
N PHE B 296 26.43 2.59 4.35
CA PHE B 296 27.47 3.17 5.19
C PHE B 296 27.63 4.65 4.89
N SER B 297 28.05 5.40 5.90
CA SER B 297 28.35 6.81 5.70
C SER B 297 29.65 6.97 4.90
N LYS B 298 30.04 8.23 4.69
CA LYS B 298 31.21 8.49 3.86
C LYS B 298 32.49 8.00 4.54
N SER B 299 32.63 8.25 5.84
CA SER B 299 33.81 7.82 6.57
C SER B 299 33.69 6.42 7.14
N GLY B 300 32.51 5.80 7.04
CA GLY B 300 32.31 4.46 7.57
C GLY B 300 32.00 4.39 9.04
N ARG B 301 31.84 5.53 9.71
CA ARG B 301 31.55 5.49 11.14
C ARG B 301 30.08 5.14 11.41
N LEU B 302 29.19 5.50 10.50
CA LEU B 302 27.76 5.29 10.69
C LEU B 302 27.28 4.16 9.78
N LEU B 303 26.37 3.34 10.30
CA LEU B 303 25.71 2.28 9.55
C LEU B 303 24.21 2.53 9.61
N LEU B 304 23.62 2.92 8.48
CA LEU B 304 22.20 3.19 8.39
C LEU B 304 21.49 1.95 7.86
N ALA B 305 20.46 1.50 8.59
CA ALA B 305 19.74 0.28 8.26
C ALA B 305 18.24 0.57 8.23
N GLY B 306 17.58 0.15 7.16
CA GLY B 306 16.13 0.25 7.10
C GLY B 306 15.47 -1.02 7.65
N TYR B 307 14.27 -0.85 8.19
CA TYR B 307 13.57 -1.93 8.87
C TYR B 307 12.12 -2.02 8.41
N ASP B 308 11.48 -3.13 8.78
CA ASP B 308 10.06 -3.31 8.50
C ASP B 308 9.19 -2.51 9.45
N ASP B 309 9.75 -2.00 10.55
CA ASP B 309 9.05 -1.22 11.58
C ASP B 309 8.79 0.19 11.17
N PHE B 310 8.91 0.49 9.88
CA PHE B 310 8.59 1.75 9.23
C PHE B 310 9.66 2.81 9.44
N ASN B 311 10.77 2.49 10.12
CA ASN B 311 11.77 3.47 10.47
C ASN B 311 13.18 2.97 10.16
N CYS B 312 14.11 3.91 10.12
CA CYS B 312 15.53 3.64 9.89
C CYS B 312 16.32 3.97 11.15
N ASN B 313 17.11 3.02 11.63
CA ASN B 313 17.91 3.18 12.83
C ASN B 313 19.36 3.42 12.45
N VAL B 314 19.97 4.44 13.05
CA VAL B 314 21.37 4.77 12.79
C VAL B 314 22.25 4.11 13.85
N TRP B 315 23.21 3.32 13.41
CA TRP B 315 24.11 2.59 14.29
C TRP B 315 25.51 3.20 14.22
N ASP B 316 26.22 3.14 15.34
CA ASP B 316 27.64 3.46 15.36
C ASP B 316 28.40 2.20 14.98
N ALA B 317 29.15 2.26 13.88
CA ALA B 317 29.79 1.06 13.36
C ALA B 317 30.79 0.46 14.33
N LEU B 318 31.43 1.29 15.15
CA LEU B 318 32.46 0.83 16.07
C LEU B 318 31.95 0.54 17.47
N LYS B 319 30.66 0.77 17.74
CA LYS B 319 30.13 0.67 19.10
C LYS B 319 28.88 -0.17 19.23
N ALA B 320 28.11 -0.37 18.15
CA ALA B 320 26.86 -1.14 18.18
C ALA B 320 25.84 -0.53 19.14
N ASP B 321 25.71 0.79 19.14
CA ASP B 321 24.67 1.49 19.90
C ASP B 321 23.95 2.47 19.00
N ARG B 322 22.64 2.62 19.23
CA ARG B 322 21.86 3.54 18.41
C ARG B 322 22.33 4.97 18.62
N ALA B 323 22.48 5.71 17.52
CA ALA B 323 22.77 7.13 17.57
C ALA B 323 21.62 7.99 17.08
N GLY B 324 20.59 7.40 16.51
CA GLY B 324 19.45 8.16 16.04
C GLY B 324 18.48 7.26 15.31
N VAL B 325 17.28 7.77 15.10
CA VAL B 325 16.21 7.07 14.39
C VAL B 325 15.63 8.01 13.35
N LEU B 326 15.48 7.51 12.12
CA LEU B 326 14.89 8.29 11.04
C LEU B 326 13.41 7.91 10.85
N ALA B 327 12.60 8.20 11.86
CA ALA B 327 11.18 7.94 11.79
C ALA B 327 10.49 8.99 10.91
N GLY B 328 9.38 8.58 10.29
CA GLY B 328 8.67 9.48 9.41
C GLY B 328 8.00 8.84 8.20
N HIS B 329 8.23 7.55 7.98
CA HIS B 329 7.60 6.81 6.89
C HIS B 329 6.38 6.07 7.40
N ASP B 330 5.30 6.14 6.63
CA ASP B 330 4.04 5.51 7.01
C ASP B 330 4.02 4.01 6.83
N ASN B 331 4.87 3.47 5.95
CA ASN B 331 4.92 2.05 5.66
C ASN B 331 6.37 1.58 5.67
N ARG B 332 6.55 0.30 5.31
CA ARG B 332 7.85 -0.34 5.38
C ARG B 332 8.89 0.41 4.55
N VAL B 333 10.08 0.56 5.10
CA VAL B 333 11.20 1.21 4.39
C VAL B 333 11.86 0.14 3.53
N SER B 334 11.81 0.32 2.21
CA SER B 334 12.24 -0.75 1.31
C SER B 334 13.60 -0.44 0.70
N CYS B 335 13.90 0.82 0.46
CA CYS B 335 15.15 1.22 -0.19
C CYS B 335 15.80 2.35 0.60
N LEU B 336 17.11 2.51 0.38
CA LEU B 336 17.92 3.39 1.18
C LEU B 336 19.22 3.67 0.42
N GLY B 337 19.74 4.89 0.56
CA GLY B 337 20.97 5.25 -0.13
C GLY B 337 21.63 6.51 0.39
N VAL B 338 22.95 6.52 0.42
CA VAL B 338 23.74 7.63 0.94
C VAL B 338 24.46 8.31 -0.22
N THR B 339 24.48 9.64 -0.18
CA THR B 339 25.06 10.41 -1.28
C THR B 339 26.54 10.11 -1.45
N ASP B 340 27.02 10.19 -2.69
CA ASP B 340 28.41 9.87 -2.97
C ASP B 340 29.37 10.80 -2.23
N ASP B 341 28.98 12.06 -2.03
CA ASP B 341 29.77 12.98 -1.23
C ASP B 341 29.39 12.97 0.24
N GLY B 342 28.38 12.20 0.63
CA GLY B 342 28.02 12.06 2.02
C GLY B 342 27.17 13.16 2.61
N MET B 343 26.68 14.08 1.79
CA MET B 343 25.91 15.21 2.32
C MET B 343 24.57 14.76 2.89
N ALA B 344 23.83 13.95 2.13
CA ALA B 344 22.46 13.60 2.47
C ALA B 344 22.21 12.13 2.25
N VAL B 345 21.16 11.62 2.90
CA VAL B 345 20.73 10.24 2.78
C VAL B 345 19.26 10.24 2.36
N ALA B 346 18.91 9.35 1.44
CA ALA B 346 17.54 9.25 0.96
C ALA B 346 16.96 7.88 1.31
N THR B 347 15.72 7.86 1.77
CA THR B 347 15.01 6.64 2.08
C THR B 347 13.65 6.64 1.39
N GLY B 348 13.40 5.60 0.60
CA GLY B 348 12.09 5.36 0.03
C GLY B 348 11.33 4.37 0.89
N SER B 349 10.02 4.26 0.63
CA SER B 349 9.18 3.39 1.44
C SER B 349 8.00 2.90 0.62
N TRP B 350 7.23 2.00 1.23
CA TRP B 350 6.04 1.43 0.62
C TRP B 350 4.88 2.41 0.57
N ASP B 351 4.99 3.58 1.20
CA ASP B 351 3.94 4.59 1.17
C ASP B 351 4.07 5.55 -0.01
N SER B 352 5.02 5.29 -0.92
CA SER B 352 5.18 6.02 -2.17
C SER B 352 5.76 7.42 -1.98
N PHE B 353 6.61 7.62 -0.98
CA PHE B 353 7.27 8.91 -0.77
C PHE B 353 8.76 8.71 -0.54
N LEU B 354 9.57 9.43 -1.31
CA LEU B 354 10.99 9.52 -1.04
C LEU B 354 11.26 10.75 -0.17
N LYS B 355 12.10 10.56 0.84
CA LYS B 355 12.39 11.61 1.81
C LYS B 355 13.90 11.73 1.96
N ILE B 356 14.43 12.89 1.61
CA ILE B 356 15.85 13.20 1.77
C ILE B 356 16.05 13.83 3.13
N TRP B 357 17.03 13.32 3.88
CA TRP B 357 17.13 13.64 5.30
C TRP B 357 18.26 14.63 5.59
N ASN B 358 19.49 14.35 5.16
CA ASN B 358 20.61 15.28 5.38
C ASN B 358 20.79 15.65 6.85
N SER C 8 23.47 -37.31 -7.46
CA SER C 8 23.87 -36.03 -6.89
C SER C 8 25.34 -36.05 -6.48
N ILE C 9 26.18 -36.69 -7.31
CA ILE C 9 27.52 -37.17 -6.86
C ILE C 9 28.60 -36.19 -7.35
N ALA C 10 28.53 -35.79 -8.61
CA ALA C 10 29.48 -34.78 -9.17
C ALA C 10 29.40 -33.49 -8.34
N GLN C 11 28.19 -33.14 -7.89
CA GLN C 11 27.97 -31.99 -6.98
C GLN C 11 28.93 -32.08 -5.78
N ALA C 12 28.94 -33.22 -5.09
CA ALA C 12 29.75 -33.40 -3.88
C ALA C 12 31.25 -33.24 -4.20
N ARG C 13 31.68 -33.72 -5.38
CA ARG C 13 33.10 -33.58 -5.78
C ARG C 13 33.44 -32.10 -6.00
N LYS C 14 32.58 -31.37 -6.70
CA LYS C 14 32.79 -29.91 -6.93
C LYS C 14 32.82 -29.19 -5.57
N LEU C 15 31.90 -29.54 -4.67
CA LEU C 15 31.82 -28.91 -3.33
C LEU C 15 33.18 -29.04 -2.63
N VAL C 16 33.73 -30.25 -2.56
CA VAL C 16 34.96 -30.49 -1.75
C VAL C 16 36.15 -29.77 -2.42
N GLU C 17 36.12 -29.64 -3.75
CA GLU C 17 37.22 -29.01 -4.52
C GLU C 17 37.26 -27.51 -4.21
N GLN C 18 36.10 -26.91 -3.93
CA GLN C 18 36.01 -25.47 -3.55
C GLN C 18 36.49 -25.30 -2.10
N LEU C 19 36.09 -26.21 -1.21
CA LEU C 19 36.38 -26.06 0.25
C LEU C 19 37.89 -26.07 0.50
N LYS C 20 38.66 -26.74 -0.35
CA LYS C 20 40.13 -26.84 -0.13
C LYS C 20 40.84 -25.61 -0.72
N MET C 21 40.14 -24.86 -1.58
CA MET C 21 40.67 -23.55 -2.08
C MET C 21 40.43 -22.46 -1.03
N GLU C 22 39.33 -22.56 -0.29
CA GLU C 22 38.95 -21.55 0.73
C GLU C 22 39.67 -21.84 2.05
N ALA C 23 40.23 -23.03 2.20
CA ALA C 23 41.01 -23.39 3.41
C ALA C 23 42.46 -22.94 3.23
N ASN C 24 42.96 -22.94 1.99
CA ASN C 24 44.37 -22.60 1.70
C ASN C 24 44.47 -21.13 1.28
N ILE C 25 44.23 -20.22 2.24
CA ILE C 25 44.31 -18.75 1.98
C ILE C 25 45.01 -18.07 3.16
N ASP C 26 45.66 -16.94 2.91
CA ASP C 26 46.41 -16.21 3.97
C ASP C 26 45.42 -15.44 4.85
N ARG C 27 45.31 -15.84 6.11
CA ARG C 27 44.51 -15.15 7.12
C ARG C 27 45.42 -14.32 8.02
N ILE C 28 44.87 -13.22 8.56
CA ILE C 28 45.59 -12.31 9.49
C ILE C 28 44.87 -12.25 10.84
N LYS C 29 45.46 -11.57 11.82
CA LYS C 29 44.88 -11.51 13.19
C LYS C 29 43.75 -10.48 13.23
N VAL C 30 42.70 -10.75 14.01
CA VAL C 30 41.47 -9.90 14.02
C VAL C 30 41.81 -8.51 14.57
N SER C 31 42.88 -8.41 15.37
CA SER C 31 43.29 -7.14 15.96
C SER C 31 43.83 -6.19 14.91
N LYS C 32 44.62 -6.70 13.98
CA LYS C 32 45.17 -5.86 12.91
C LYS C 32 44.06 -5.30 12.03
N ALA C 33 43.07 -6.13 11.69
CA ALA C 33 41.95 -5.66 10.89
C ALA C 33 41.17 -4.58 11.62
N ALA C 34 40.90 -4.80 12.92
CA ALA C 34 40.18 -3.80 13.70
C ALA C 34 40.95 -2.49 13.75
N ALA C 35 42.28 -2.58 13.92
CA ALA C 35 43.11 -1.39 13.93
C ALA C 35 43.03 -0.65 12.59
N ASP C 36 43.05 -1.40 11.49
CA ASP C 36 42.95 -0.78 10.18
C ASP C 36 41.62 -0.05 10.00
N LEU C 37 40.51 -0.70 10.39
CA LEU C 37 39.20 -0.06 10.26
C LEU C 37 39.11 1.20 11.12
N MET C 38 39.58 1.16 12.36
CA MET C 38 39.49 2.35 13.19
C MET C 38 40.43 3.45 12.67
N ALA C 39 41.59 3.07 12.16
CA ALA C 39 42.47 4.04 11.54
C ALA C 39 41.78 4.74 10.38
N TYR C 40 41.05 3.97 9.57
CA TYR C 40 40.30 4.59 8.48
C TYR C 40 39.17 5.48 9.00
N CYS C 41 38.47 5.05 10.05
CA CYS C 41 37.33 5.81 10.54
C CYS C 41 37.74 7.17 11.07
N GLU C 42 38.71 7.22 11.98
CA GLU C 42 39.18 8.52 12.44
C GLU C 42 40.20 9.15 11.49
N ALA C 43 40.54 8.46 10.40
CA ALA C 43 41.34 9.09 9.35
C ALA C 43 40.51 10.09 8.54
N HIS C 44 39.24 9.76 8.29
CA HIS C 44 38.38 10.57 7.43
C HIS C 44 37.22 11.22 8.19
N ALA C 45 37.39 11.37 9.51
CA ALA C 45 36.26 11.65 10.44
C ALA C 45 35.74 13.09 10.25
N LYS C 46 36.45 13.89 9.46
CA LYS C 46 36.09 15.32 9.27
C LYS C 46 35.32 15.48 7.95
N GLU C 47 35.45 14.51 7.05
CA GLU C 47 34.98 14.65 5.64
C GLU C 47 33.50 14.28 5.55
N ASP C 48 32.87 13.85 6.65
CA ASP C 48 31.52 13.30 6.57
C ASP C 48 30.48 14.18 7.27
N PRO C 49 29.66 14.93 6.52
CA PRO C 49 28.69 15.83 7.16
C PRO C 49 27.64 15.13 8.01
N LEU C 50 27.41 13.84 7.82
CA LEU C 50 26.41 13.15 8.64
C LEU C 50 26.89 12.98 10.08
N LEU C 51 28.21 12.85 10.27
CA LEU C 51 28.74 12.69 11.62
C LEU C 51 28.66 13.99 12.41
N THR C 52 29.03 15.10 11.78
CA THR C 52 28.97 16.42 12.41
C THR C 52 28.11 17.35 11.57
N PRO C 53 27.04 17.93 12.12
CA PRO C 53 26.16 18.77 11.31
C PRO C 53 26.90 19.92 10.65
N VAL C 54 26.58 20.16 9.39
CA VAL C 54 27.26 21.15 8.56
C VAL C 54 26.55 22.50 8.73
N PRO C 55 27.26 23.62 8.67
CA PRO C 55 26.58 24.92 8.68
C PRO C 55 25.66 25.08 7.49
N ALA C 56 24.57 25.82 7.70
CA ALA C 56 23.46 25.92 6.72
C ALA C 56 23.91 26.72 5.48
N SER C 57 25.00 27.47 5.60
CA SER C 57 25.54 28.26 4.47
C SER C 57 26.16 27.31 3.43
N GLU C 58 26.69 26.18 3.88
CA GLU C 58 27.42 25.22 3.00
C GLU C 58 26.51 24.04 2.65
N ASN C 59 25.22 24.13 3.00
CA ASN C 59 24.33 22.99 2.88
C ASN C 59 23.39 23.21 1.71
N PRO C 60 23.50 22.44 0.62
CA PRO C 60 22.64 22.68 -0.54
C PRO C 60 21.21 22.19 -0.37
N PHE C 61 20.92 21.35 0.61
CA PHE C 61 19.58 20.81 0.78
C PHE C 61 18.73 21.59 1.78
N ARG C 62 19.27 22.64 2.40
CA ARG C 62 18.49 23.51 3.27
C ARG C 62 18.34 24.90 2.66
N GLU C 63 19.44 25.57 2.35
CA GLU C 63 19.42 26.86 1.69
C GLU C 63 20.49 26.90 0.61
N LYS C 64 20.09 27.19 -0.62
CA LYS C 64 21.02 27.21 -1.74
C LYS C 64 22.05 28.31 -1.60
N TYR D 165 -29.52 32.86 36.15
CA TYR D 165 -30.41 32.33 35.12
C TYR D 165 -29.75 32.40 33.75
N GLN D 166 -29.49 33.63 33.31
CA GLN D 166 -28.91 33.94 31.98
C GLN D 166 -27.45 33.48 31.96
N VAL D 167 -26.79 33.49 33.12
CA VAL D 167 -25.46 32.83 33.27
C VAL D 167 -25.61 31.36 32.82
N ILE D 168 -26.59 30.65 33.37
CA ILE D 168 -26.81 29.20 33.06
C ILE D 168 -26.98 29.04 31.54
N THR D 169 -27.93 29.76 30.94
CA THR D 169 -28.23 29.53 29.49
C THR D 169 -27.00 29.93 28.65
N SER D 170 -26.28 30.98 29.05
CA SER D 170 -25.13 31.47 28.23
C SER D 170 -23.99 30.45 28.25
N LEU D 171 -23.87 29.65 29.30
CA LEU D 171 -22.75 28.67 29.38
C LEU D 171 -23.18 27.34 28.74
N LEU D 172 -24.48 27.03 28.76
CA LEU D 172 -24.99 25.77 28.16
C LEU D 172 -24.97 25.90 26.64
N LEU D 173 -25.37 27.06 26.11
CA LEU D 173 -25.32 27.34 24.65
C LEU D 173 -23.87 27.61 24.26
N GLY D 174 -23.07 28.18 25.16
CA GLY D 174 -21.65 28.47 24.91
C GLY D 174 -20.84 27.20 24.70
N THR D 175 -21.08 26.16 25.51
CA THR D 175 -20.36 24.86 25.35
C THR D 175 -20.82 24.16 24.06
N LEU D 176 -22.12 24.25 23.73
CA LEU D 176 -22.65 23.62 22.50
C LEU D 176 -21.87 24.15 21.29
N ILE D 177 -21.72 25.47 21.20
CA ILE D 177 -20.98 26.11 20.06
C ILE D 177 -19.52 25.63 20.09
N PHE D 178 -18.90 25.59 21.26
CA PHE D 178 -17.49 25.16 21.40
C PHE D 178 -17.33 23.72 20.91
N CYS D 179 -18.16 22.80 21.41
CA CYS D 179 -18.06 21.37 21.04
C CYS D 179 -18.29 21.21 19.53
N ALA D 180 -19.17 22.04 18.95
CA ALA D 180 -19.49 21.98 17.50
C ALA D 180 -18.27 22.43 16.68
N VAL D 181 -17.74 23.63 16.96
CA VAL D 181 -16.59 24.15 16.15
C VAL D 181 -15.39 23.20 16.32
N LEU D 182 -15.18 22.67 17.52
CA LEU D 182 -14.04 21.74 17.79
C LEU D 182 -14.24 20.46 16.97
N GLY D 183 -15.41 19.84 17.07
CA GLY D 183 -15.71 18.56 16.40
C GLY D 183 -15.56 18.65 14.89
N ASN D 184 -15.90 19.79 14.31
CA ASN D 184 -15.95 19.94 12.83
C ASN D 184 -14.54 20.27 12.30
N ALA D 185 -13.80 21.12 13.01
CA ALA D 185 -12.43 21.48 12.58
C ALA D 185 -11.57 20.22 12.56
N CYS D 186 -11.70 19.38 13.60
CA CYS D 186 -10.91 18.12 13.70
C CYS D 186 -11.12 17.26 12.45
N VAL D 187 -12.37 17.09 12.01
CA VAL D 187 -12.69 16.24 10.83
C VAL D 187 -11.99 16.81 9.59
N VAL D 188 -12.18 18.11 9.33
CA VAL D 188 -11.56 18.77 8.14
C VAL D 188 -10.03 18.61 8.23
N ALA D 189 -9.46 18.83 9.41
CA ALA D 189 -8.00 18.72 9.62
C ALA D 189 -7.53 17.29 9.30
N ALA D 190 -8.18 16.28 9.86
CA ALA D 190 -7.85 14.86 9.56
C ALA D 190 -7.82 14.67 8.03
N ILE D 191 -8.94 14.95 7.36
CA ILE D 191 -8.99 14.87 5.87
C ILE D 191 -7.78 15.63 5.31
N ALA D 192 -7.53 16.87 5.74
CA ALA D 192 -6.59 17.80 5.07
C ALA D 192 -5.22 17.11 4.90
N LEU D 193 -4.72 16.47 5.97
CA LEU D 193 -3.28 16.12 6.14
C LEU D 193 -3.07 14.59 6.16
N GLU D 194 -4.14 13.78 5.98
CA GLU D 194 -4.07 12.29 5.86
C GLU D 194 -4.29 11.89 4.39
N ARG D 195 -3.32 11.22 3.77
CA ARG D 195 -3.42 10.80 2.37
C ARG D 195 -4.36 9.61 2.22
N SER D 196 -4.54 8.83 3.28
CA SER D 196 -5.45 7.69 3.22
C SER D 196 -6.89 8.14 3.00
N LEU D 197 -7.24 9.28 3.63
CA LEU D 197 -8.64 9.76 3.67
C LEU D 197 -8.88 10.76 2.52
N GLN D 198 -8.42 10.43 1.32
CA GLN D 198 -8.58 11.33 0.15
C GLN D 198 -9.43 10.65 -0.92
N ASN D 199 -10.59 10.13 -0.55
CA ASN D 199 -11.48 9.42 -1.50
C ASN D 199 -12.79 10.21 -1.70
N VAL D 200 -13.53 9.91 -2.77
CA VAL D 200 -14.77 10.65 -3.16
C VAL D 200 -15.75 10.65 -1.97
N ALA D 201 -15.91 9.50 -1.31
CA ALA D 201 -16.84 9.36 -0.17
C ALA D 201 -16.45 10.33 0.96
N ASN D 202 -15.16 10.43 1.27
CA ASN D 202 -14.67 11.22 2.44
C ASN D 202 -14.56 12.70 2.05
N TYR D 203 -14.58 13.01 0.75
CA TYR D 203 -14.72 14.42 0.31
C TYR D 203 -16.11 14.95 0.65
N LEU D 204 -17.17 14.15 0.42
CA LEU D 204 -18.56 14.59 0.69
C LEU D 204 -18.80 14.72 2.19
N ILE D 205 -18.25 13.81 3.00
CA ILE D 205 -18.34 13.89 4.49
C ILE D 205 -17.53 15.10 4.97
N GLY D 206 -16.36 15.35 4.37
CA GLY D 206 -15.52 16.50 4.71
C GLY D 206 -16.19 17.82 4.37
N SER D 207 -16.98 17.86 3.30
CA SER D 207 -17.69 19.11 2.90
C SER D 207 -18.86 19.39 3.85
N LEU D 208 -19.53 18.35 4.33
CA LEU D 208 -20.59 18.49 5.36
C LEU D 208 -19.98 19.14 6.61
N ALA D 209 -18.79 18.69 7.00
CA ALA D 209 -18.08 19.25 8.18
C ALA D 209 -17.75 20.73 7.97
N VAL D 210 -17.28 21.09 6.77
CA VAL D 210 -17.06 22.53 6.41
C VAL D 210 -18.36 23.30 6.60
N THR D 211 -19.44 22.85 5.95
CA THR D 211 -20.75 23.56 6.02
C THR D 211 -21.20 23.67 7.48
N ASP D 212 -21.13 22.56 8.24
CA ASP D 212 -21.59 22.53 9.66
C ASP D 212 -20.67 23.41 10.52
N LEU D 213 -19.38 23.46 10.19
CA LEU D 213 -18.45 24.41 10.86
C LEU D 213 -18.91 25.83 10.55
N MET D 214 -19.21 26.15 9.28
CA MET D 214 -19.63 27.53 8.91
C MET D 214 -20.90 27.93 9.68
N VAL D 215 -21.82 27.00 9.93
CA VAL D 215 -23.06 27.30 10.72
C VAL D 215 -22.65 27.64 12.15
N SER D 216 -21.74 26.84 12.73
CA SER D 216 -21.44 26.91 14.19
C SER D 216 -20.65 28.18 14.52
N VAL D 217 -19.95 28.76 13.54
CA VAL D 217 -19.13 29.98 13.79
C VAL D 217 -19.93 31.23 13.39
N LEU D 218 -20.78 31.15 12.36
CA LEU D 218 -21.40 32.36 11.78
C LEU D 218 -22.80 32.60 12.37
N VAL D 219 -23.66 31.59 12.32
CA VAL D 219 -25.09 31.74 12.74
C VAL D 219 -25.20 31.55 14.25
N LEU D 220 -24.71 30.42 14.77
CA LEU D 220 -25.03 29.97 16.16
C LEU D 220 -24.65 31.03 17.21
N PRO D 221 -23.46 31.68 17.20
CA PRO D 221 -23.16 32.73 18.18
C PRO D 221 -24.12 33.92 18.12
N MET D 222 -24.43 34.40 16.91
CA MET D 222 -25.36 35.54 16.73
C MET D 222 -26.77 35.13 17.14
N ALA D 223 -27.06 33.83 17.24
CA ALA D 223 -28.43 33.37 17.60
C ALA D 223 -28.53 33.21 19.12
N ALA D 224 -27.45 32.75 19.76
CA ALA D 224 -27.37 32.60 21.22
C ALA D 224 -27.57 33.96 21.90
N LEU D 225 -27.08 35.03 21.28
CA LEU D 225 -27.22 36.41 21.83
C LEU D 225 -28.70 36.81 21.84
N TYR D 226 -29.43 36.52 20.77
CA TYR D 226 -30.88 36.86 20.66
C TYR D 226 -31.68 36.02 21.67
N GLN D 227 -31.08 34.96 22.22
CA GLN D 227 -31.79 34.08 23.19
C GLN D 227 -31.59 34.62 24.61
N VAL D 228 -30.35 34.97 24.96
CA VAL D 228 -29.99 35.31 26.38
C VAL D 228 -30.44 36.75 26.69
N LEU D 229 -30.66 37.58 25.67
CA LEU D 229 -31.01 39.01 25.87
C LEU D 229 -32.51 39.20 25.63
N ASN D 230 -33.11 38.32 24.81
CA ASN D 230 -34.55 38.36 24.44
C ASN D 230 -34.85 39.61 23.60
N LYS D 231 -33.81 40.19 22.99
CA LYS D 231 -33.97 41.37 22.09
C LYS D 231 -32.93 41.29 20.96
N TRP D 232 -33.25 41.91 19.81
CA TRP D 232 -32.23 42.06 18.73
C TRP D 232 -31.57 43.42 18.85
N THR D 233 -30.24 43.44 18.98
CA THR D 233 -29.47 44.69 19.24
C THR D 233 -28.37 44.86 18.19
N LEU D 234 -28.68 44.58 16.92
CA LEU D 234 -27.64 44.66 15.85
C LEU D 234 -28.21 45.43 14.65
N GLY D 235 -29.49 45.80 14.71
CA GLY D 235 -30.08 46.66 13.67
C GLY D 235 -30.75 45.87 12.56
N GLN D 236 -31.60 46.52 11.77
CA GLN D 236 -32.43 45.84 10.74
C GLN D 236 -31.53 45.19 9.69
N VAL D 237 -30.45 45.87 9.29
CA VAL D 237 -29.59 45.39 8.17
C VAL D 237 -28.91 44.08 8.59
N THR D 238 -28.28 44.04 9.76
CA THR D 238 -27.54 42.83 10.22
C THR D 238 -28.52 41.65 10.27
N CYS D 239 -29.79 41.91 10.60
CA CYS D 239 -30.75 40.84 10.81
C CYS D 239 -31.14 40.19 9.49
N ASP D 240 -31.38 41.03 8.48
CA ASP D 240 -31.62 40.51 7.10
C ASP D 240 -30.48 39.55 6.74
N LEU D 241 -29.24 39.92 7.05
CA LEU D 241 -28.06 39.05 6.81
C LEU D 241 -28.18 37.78 7.65
N PHE D 242 -28.47 37.91 8.95
CA PHE D 242 -28.61 36.74 9.84
C PHE D 242 -29.63 35.76 9.25
N ILE D 243 -30.81 36.24 8.87
CA ILE D 243 -31.89 35.36 8.32
C ILE D 243 -31.38 34.70 7.03
N ALA D 244 -30.84 35.47 6.10
CA ALA D 244 -30.33 34.91 4.83
C ALA D 244 -29.30 33.82 5.11
N LEU D 245 -28.38 34.07 6.04
CA LEU D 245 -27.25 33.12 6.31
C LEU D 245 -27.79 31.87 7.01
N ASP D 246 -28.79 32.04 7.87
CA ASP D 246 -29.50 30.92 8.53
C ASP D 246 -30.19 30.05 7.46
N VAL D 247 -30.81 30.63 6.44
CA VAL D 247 -31.60 29.82 5.48
C VAL D 247 -30.66 29.26 4.40
N LEU D 248 -29.41 29.76 4.33
CA LEU D 248 -28.43 29.31 3.32
C LEU D 248 -27.63 28.12 3.84
N CYS D 249 -27.00 28.28 5.01
CA CYS D 249 -25.99 27.30 5.49
C CYS D 249 -26.69 26.04 6.01
N CYS D 250 -27.89 26.19 6.58
CA CYS D 250 -28.63 25.05 7.19
C CYS D 250 -29.34 24.23 6.11
N THR D 251 -29.85 24.87 5.05
CA THR D 251 -30.43 24.14 3.89
C THR D 251 -29.35 23.30 3.21
N SER D 252 -28.17 23.91 3.00
CA SER D 252 -26.99 23.21 2.41
C SER D 252 -26.62 21.98 3.25
N SER D 253 -26.80 22.05 4.57
CA SER D 253 -26.45 20.91 5.47
C SER D 253 -27.37 19.72 5.18
N ILE D 254 -28.68 19.97 5.02
CA ILE D 254 -29.70 18.88 4.89
C ILE D 254 -29.56 18.22 3.51
N TRP D 255 -29.11 18.99 2.52
CA TRP D 255 -28.93 18.47 1.13
C TRP D 255 -27.57 17.79 0.98
N HIS D 256 -26.63 18.03 1.91
CA HIS D 256 -25.36 17.26 1.96
C HIS D 256 -25.65 15.83 2.44
N LEU D 257 -26.65 15.68 3.31
CA LEU D 257 -27.05 14.35 3.84
C LEU D 257 -27.71 13.54 2.71
N CYS D 258 -28.20 14.20 1.65
CA CYS D 258 -28.83 13.50 0.51
C CYS D 258 -27.78 13.19 -0.57
N ALA D 259 -26.79 14.06 -0.72
CA ALA D 259 -25.64 13.80 -1.61
C ALA D 259 -24.92 12.52 -1.18
N ILE D 260 -24.72 12.33 0.13
CA ILE D 260 -24.06 11.12 0.68
C ILE D 260 -24.92 9.90 0.40
N ALA D 261 -26.24 10.02 0.56
CA ALA D 261 -27.18 8.88 0.39
C ALA D 261 -27.25 8.47 -1.08
N LEU D 262 -27.10 9.41 -2.00
CA LEU D 262 -27.10 9.13 -3.46
C LEU D 262 -25.76 8.50 -3.87
N ASP D 263 -24.66 8.95 -3.25
CA ASP D 263 -23.33 8.33 -3.50
C ASP D 263 -23.34 6.89 -2.98
N ARG D 264 -23.79 6.68 -1.74
CA ARG D 264 -23.88 5.31 -1.22
C ARG D 264 -24.78 4.45 -2.10
N TYR D 265 -25.90 5.01 -2.56
CA TYR D 265 -26.82 4.27 -3.41
C TYR D 265 -26.16 3.87 -4.72
N TRP D 266 -25.47 4.80 -5.37
CA TRP D 266 -24.90 4.50 -6.71
C TRP D 266 -23.75 3.48 -6.62
N ALA D 267 -23.32 3.12 -5.41
CA ALA D 267 -22.14 2.24 -5.22
C ALA D 267 -22.60 0.82 -4.90
N ILE D 268 -23.63 0.68 -4.08
CA ILE D 268 -24.22 -0.65 -3.73
C ILE D 268 -24.88 -1.23 -4.99
N THR D 269 -25.47 -0.36 -5.82
CA THR D 269 -26.36 -0.83 -6.91
C THR D 269 -25.67 -0.73 -8.28
N ASP D 270 -24.47 -0.16 -8.36
CA ASP D 270 -23.87 0.01 -9.68
C ASP D 270 -22.35 -0.15 -9.59
N PRO D 271 -21.87 -1.39 -9.58
CA PRO D 271 -20.42 -1.61 -9.55
C PRO D 271 -19.69 -1.14 -10.80
N ILE D 272 -20.32 -1.23 -11.98
CA ILE D 272 -19.66 -0.83 -13.21
C ILE D 272 -19.37 0.66 -13.22
N ASP D 273 -20.35 1.48 -12.82
CA ASP D 273 -20.11 2.91 -12.67
C ASP D 273 -19.04 3.18 -11.63
N TYR D 274 -19.06 2.44 -10.52
CA TYR D 274 -18.08 2.63 -9.47
C TYR D 274 -16.67 2.42 -10.00
N VAL D 275 -16.44 1.34 -10.75
CA VAL D 275 -15.11 1.06 -11.26
C VAL D 275 -14.72 2.03 -12.36
N ASN D 276 -15.64 2.33 -13.28
CA ASN D 276 -15.28 3.03 -14.51
C ASN D 276 -15.40 4.55 -14.39
N LYS D 277 -16.56 5.06 -14.01
CA LYS D 277 -16.89 6.46 -14.23
C LYS D 277 -16.99 7.30 -12.97
N ARG D 278 -16.42 6.85 -11.85
CA ARG D 278 -16.53 7.57 -10.59
C ARG D 278 -15.21 8.27 -10.29
N THR D 279 -15.24 9.59 -10.24
CA THR D 279 -14.07 10.45 -10.05
C THR D 279 -14.41 11.55 -9.08
N PRO D 280 -13.39 12.21 -8.50
CA PRO D 280 -13.68 13.32 -7.56
C PRO D 280 -14.46 14.46 -8.17
N ARG D 281 -14.49 14.57 -9.50
CA ARG D 281 -15.37 15.55 -10.13
C ARG D 281 -16.82 15.31 -9.77
N ARG D 282 -17.20 14.06 -9.52
CA ARG D 282 -18.55 13.75 -9.04
C ARG D 282 -18.82 14.44 -7.72
N ALA D 283 -17.88 14.33 -6.76
CA ALA D 283 -18.05 15.00 -5.48
C ALA D 283 -18.08 16.52 -5.64
N ALA D 284 -17.22 17.06 -6.50
CA ALA D 284 -17.21 18.50 -6.72
C ALA D 284 -18.55 18.98 -7.26
N ALA D 285 -19.09 18.28 -8.25
CA ALA D 285 -20.38 18.66 -8.82
C ALA D 285 -21.50 18.55 -7.78
N LEU D 286 -21.46 17.49 -6.96
CA LEU D 286 -22.50 17.32 -5.95
C LEU D 286 -22.47 18.44 -4.92
N ILE D 287 -21.28 18.81 -4.45
CA ILE D 287 -21.17 19.89 -3.48
C ILE D 287 -21.62 21.22 -4.09
N SER D 288 -21.22 21.46 -5.35
CA SER D 288 -21.64 22.69 -6.02
C SER D 288 -23.15 22.76 -6.16
N LEU D 289 -23.78 21.63 -6.50
CA LEU D 289 -25.23 21.59 -6.61
C LEU D 289 -25.90 21.85 -5.26
N THR D 290 -25.34 21.27 -4.19
CA THR D 290 -25.87 21.52 -2.86
C THR D 290 -25.86 23.01 -2.52
N TRP D 291 -24.71 23.66 -2.75
CA TRP D 291 -24.63 25.10 -2.44
C TRP D 291 -25.51 25.92 -3.36
N LEU D 292 -25.68 25.49 -4.61
CA LEU D 292 -26.57 26.20 -5.53
C LEU D 292 -28.02 26.13 -5.04
N ILE D 293 -28.45 24.96 -4.57
CA ILE D 293 -29.80 24.85 -4.03
C ILE D 293 -29.95 25.72 -2.78
N GLY D 294 -28.91 25.75 -1.94
CA GLY D 294 -28.95 26.62 -0.79
C GLY D 294 -29.15 28.08 -1.16
N PHE D 295 -28.38 28.55 -2.14
CA PHE D 295 -28.54 29.92 -2.63
C PHE D 295 -29.94 30.14 -3.21
N LEU D 296 -30.41 29.19 -4.01
CA LEU D 296 -31.71 29.34 -4.66
C LEU D 296 -32.85 29.38 -3.65
N ILE D 297 -32.63 28.80 -2.47
CA ILE D 297 -33.65 28.92 -1.41
C ILE D 297 -33.48 30.19 -0.60
N SER D 298 -32.25 30.65 -0.39
CA SER D 298 -32.01 31.74 0.55
C SER D 298 -32.07 33.12 -0.08
N ILE D 299 -31.91 33.24 -1.40
CA ILE D 299 -31.90 34.53 -2.07
C ILE D 299 -33.30 35.12 -2.29
N PRO D 300 -34.34 34.33 -2.62
CA PRO D 300 -35.67 34.90 -2.89
C PRO D 300 -36.14 35.90 -1.85
N PRO D 301 -36.02 35.62 -0.54
CA PRO D 301 -36.55 36.60 0.43
C PRO D 301 -35.87 37.96 0.38
N MET D 302 -34.61 38.03 -0.10
CA MET D 302 -33.98 39.33 -0.26
C MET D 302 -34.61 40.12 -1.39
N LEU D 303 -34.78 39.49 -2.56
CA LEU D 303 -35.35 40.15 -3.73
C LEU D 303 -36.83 39.77 -3.87
N GLY D 304 -37.64 40.29 -2.95
CA GLY D 304 -39.05 39.98 -2.93
C GLY D 304 -39.38 38.95 -1.87
N TRP D 305 -40.59 38.38 -1.92
CA TRP D 305 -41.02 37.38 -0.96
C TRP D 305 -40.84 37.84 0.48
N ARG D 306 -41.12 39.12 0.74
CA ARG D 306 -40.88 39.69 2.06
C ARG D 306 -42.10 40.46 2.50
N THR D 307 -42.44 40.34 3.78
CA THR D 307 -43.59 41.00 4.37
C THR D 307 -43.14 42.12 5.30
N PRO D 308 -43.94 43.19 5.42
CA PRO D 308 -43.58 44.28 6.34
C PRO D 308 -43.55 43.86 7.80
N GLU D 309 -44.19 42.75 8.15
CA GLU D 309 -44.21 42.31 9.54
C GLU D 309 -42.81 41.95 10.03
N ASP D 310 -41.93 41.53 9.11
CA ASP D 310 -40.56 41.22 9.48
C ASP D 310 -39.83 42.45 9.99
N ARG D 311 -40.02 43.59 9.33
CA ARG D 311 -39.37 44.84 9.72
C ARG D 311 -40.20 45.67 10.69
N SER D 312 -41.42 45.24 11.00
CA SER D 312 -42.29 46.05 11.85
C SER D 312 -41.71 46.21 13.25
N ASP D 313 -41.19 45.13 13.83
CA ASP D 313 -40.65 45.16 15.19
C ASP D 313 -39.14 45.14 15.17
N PRO D 314 -38.46 46.21 15.58
CA PRO D 314 -36.99 46.19 15.62
C PRO D 314 -36.42 45.11 16.52
N ASP D 315 -37.08 44.80 17.63
CA ASP D 315 -36.62 43.76 18.54
C ASP D 315 -37.13 42.38 18.12
N ALA D 316 -36.90 42.03 16.85
CA ALA D 316 -37.35 40.76 16.30
C ALA D 316 -36.56 40.49 15.04
N CYS D 317 -36.14 39.23 14.88
CA CYS D 317 -35.38 38.79 13.72
C CYS D 317 -35.94 37.47 13.19
N THR D 318 -37.26 37.49 12.98
CA THR D 318 -38.04 36.32 12.51
C THR D 318 -37.86 36.14 11.00
N ILE D 319 -38.64 35.23 10.40
CA ILE D 319 -38.57 34.98 8.93
C ILE D 319 -39.81 35.60 8.27
N SER D 320 -39.77 35.80 6.96
CA SER D 320 -40.86 36.49 6.21
C SER D 320 -42.24 36.01 6.66
N LYS D 321 -42.36 34.72 6.99
CA LYS D 321 -43.67 34.01 7.19
C LYS D 321 -44.74 34.58 6.24
N ASP D 322 -44.42 34.68 4.95
CA ASP D 322 -45.43 34.64 3.86
C ASP D 322 -45.82 33.19 3.59
N HIS D 323 -47.09 32.95 3.30
CA HIS D 323 -47.70 31.64 3.09
C HIS D 323 -47.04 30.90 1.92
N GLY D 324 -46.94 31.57 0.77
CA GLY D 324 -46.25 30.96 -0.35
C GLY D 324 -44.78 30.71 -0.05
N TYR D 325 -44.13 31.68 0.60
CA TYR D 325 -42.75 31.47 1.02
C TYR D 325 -42.65 30.37 2.06
N THR D 326 -43.63 30.26 2.96
CA THR D 326 -43.63 29.15 3.91
C THR D 326 -43.65 27.82 3.19
N ILE D 327 -44.57 27.63 2.24
CA ILE D 327 -44.60 26.39 1.47
C ILE D 327 -43.26 26.15 0.77
N TYR D 328 -42.75 27.19 0.10
CA TYR D 328 -41.51 27.05 -0.67
C TYR D 328 -40.35 26.59 0.20
N SER D 329 -40.11 27.32 1.31
CA SER D 329 -38.88 27.19 2.08
C SER D 329 -39.06 26.12 3.16
N THR D 330 -40.26 25.55 3.22
CA THR D 330 -40.50 24.43 4.11
C THR D 330 -40.52 23.11 3.36
N PHE D 331 -40.94 23.11 2.10
CA PHE D 331 -40.92 21.85 1.30
C PHE D 331 -39.54 21.67 0.67
N GLY D 332 -38.94 22.75 0.17
CA GLY D 332 -37.64 22.65 -0.52
C GLY D 332 -36.47 22.48 0.43
N ALA D 333 -36.70 22.59 1.74
CA ALA D 333 -35.60 22.59 2.72
C ALA D 333 -35.66 21.35 3.63
N PHE D 334 -36.85 20.77 3.82
CA PHE D 334 -36.96 19.56 4.67
C PHE D 334 -37.77 18.45 3.99
N TYR D 335 -38.99 18.74 3.56
CA TYR D 335 -39.98 17.65 3.28
C TYR D 335 -39.61 16.91 1.98
N ILE D 336 -39.07 17.61 0.98
CA ILE D 336 -38.55 16.92 -0.25
C ILE D 336 -37.24 16.19 0.08
N PRO D 337 -36.20 16.81 0.70
CA PRO D 337 -35.03 16.07 1.19
C PRO D 337 -35.36 14.77 1.95
N LEU D 338 -36.38 14.80 2.82
CA LEU D 338 -36.77 13.65 3.67
C LEU D 338 -37.26 12.49 2.79
N LEU D 339 -38.21 12.75 1.88
CA LEU D 339 -38.76 11.70 0.98
C LEU D 339 -37.61 11.02 0.24
N LEU D 340 -36.71 11.79 -0.35
CA LEU D 340 -35.58 11.23 -1.14
C LEU D 340 -34.77 10.27 -0.27
N MET D 341 -34.44 10.66 0.95
CA MET D 341 -33.60 9.84 1.85
C MET D 341 -34.33 8.55 2.24
N LEU D 342 -35.63 8.63 2.50
CA LEU D 342 -36.43 7.43 2.88
C LEU D 342 -36.51 6.45 1.70
N VAL D 343 -36.47 6.95 0.46
CA VAL D 343 -36.52 6.05 -0.70
C VAL D 343 -35.14 5.42 -0.93
N LEU D 344 -34.08 6.23 -0.91
CA LEU D 344 -32.76 5.73 -1.22
C LEU D 344 -32.29 4.71 -0.20
N TYR D 345 -32.47 5.00 1.09
CA TYR D 345 -32.01 4.07 2.10
C TYR D 345 -32.90 2.83 2.19
N GLY D 346 -34.17 2.93 1.80
CA GLY D 346 -34.97 1.72 1.68
C GLY D 346 -34.47 0.81 0.56
N ARG D 347 -34.14 1.39 -0.59
CA ARG D 347 -33.56 0.61 -1.67
C ARG D 347 -32.24 -0.02 -1.25
N ILE D 348 -31.40 0.75 -0.57
CA ILE D 348 -30.12 0.25 -0.08
C ILE D 348 -30.35 -0.90 0.90
N PHE D 349 -31.35 -0.77 1.77
CA PHE D 349 -31.66 -1.83 2.72
C PHE D 349 -32.07 -3.11 2.01
N ARG D 350 -32.92 -3.00 0.98
CA ARG D 350 -33.31 -4.20 0.25
C ARG D 350 -32.12 -4.85 -0.43
N ALA D 351 -31.24 -4.04 -1.04
CA ALA D 351 -30.06 -4.60 -1.70
C ALA D 351 -29.13 -5.27 -0.71
N ALA D 352 -28.93 -4.64 0.45
CA ALA D 352 -28.11 -5.23 1.53
C ALA D 352 -28.67 -6.60 1.91
N ARG D 353 -29.95 -6.63 2.30
CA ARG D 353 -30.59 -7.85 2.87
C ARG D 353 -30.41 -9.02 1.90
N PHE D 354 -30.55 -8.77 0.60
CA PHE D 354 -30.33 -9.80 -0.45
C PHE D 354 -28.93 -10.40 -0.32
N ARG D 355 -27.89 -9.56 -0.42
CA ARG D 355 -26.48 -10.03 -0.42
C ARG D 355 -26.21 -10.84 0.86
N ILE D 356 -26.79 -10.44 1.99
CA ILE D 356 -26.62 -11.13 3.30
C ILE D 356 -27.27 -12.52 3.21
N ARG D 357 -28.54 -12.57 2.81
CA ARG D 357 -29.37 -13.80 2.90
C ARG D 357 -28.77 -14.90 2.01
N LYS D 358 -28.50 -14.59 0.74
CA LYS D 358 -28.02 -15.61 -0.23
C LYS D 358 -26.63 -16.11 0.19
N LYS D 454 -17.61 -30.16 10.45
CA LYS D 454 -18.81 -30.81 9.94
C LYS D 454 -19.70 -29.79 9.23
N ASN D 455 -20.50 -30.27 8.27
CA ASN D 455 -21.35 -29.37 7.48
C ASN D 455 -22.36 -28.65 8.36
N GLU D 456 -22.93 -29.36 9.34
CA GLU D 456 -23.94 -28.75 10.20
C GLU D 456 -23.36 -27.57 10.98
N ARG D 457 -22.17 -27.74 11.56
CA ARG D 457 -21.54 -26.65 12.29
C ARG D 457 -21.31 -25.45 11.39
N ASN D 458 -20.85 -25.73 10.17
CA ASN D 458 -20.63 -24.69 9.13
C ASN D 458 -21.96 -23.99 8.87
N ALA D 459 -23.03 -24.77 8.64
CA ALA D 459 -24.38 -24.19 8.43
C ALA D 459 -24.75 -23.30 9.62
N GLU D 460 -24.66 -23.82 10.84
CA GLU D 460 -25.00 -23.05 12.07
C GLU D 460 -24.17 -21.75 12.11
N ALA D 461 -22.86 -21.86 11.90
CA ALA D 461 -21.97 -20.67 11.91
C ALA D 461 -22.47 -19.64 10.90
N LYS D 462 -22.77 -20.07 9.67
CA LYS D 462 -23.25 -19.16 8.60
C LYS D 462 -24.58 -18.51 9.03
N ARG D 463 -25.49 -19.29 9.61
CA ARG D 463 -26.80 -18.76 10.09
C ARG D 463 -26.55 -17.65 11.12
N LYS D 464 -25.65 -17.90 12.08
CA LYS D 464 -25.34 -16.90 13.14
C LYS D 464 -24.72 -15.65 12.52
N MET D 465 -23.84 -15.81 11.53
CA MET D 465 -23.17 -14.66 10.86
C MET D 465 -24.19 -13.83 10.10
N ALA D 466 -25.16 -14.48 9.43
CA ALA D 466 -26.20 -13.76 8.67
C ALA D 466 -27.03 -12.88 9.61
N LEU D 467 -27.53 -13.47 10.70
CA LEU D 467 -28.34 -12.73 11.70
C LEU D 467 -27.54 -11.54 12.25
N ALA D 468 -26.26 -11.76 12.57
CA ALA D 468 -25.40 -10.68 13.12
C ALA D 468 -25.30 -9.52 12.12
N ARG D 469 -25.16 -9.83 10.82
CA ARG D 469 -25.01 -8.80 9.76
C ARG D 469 -26.36 -8.13 9.49
N GLU D 470 -27.47 -8.84 9.68
CA GLU D 470 -28.83 -8.26 9.53
C GLU D 470 -29.17 -7.36 10.72
N ARG D 471 -28.42 -7.49 11.83
CA ARG D 471 -28.61 -6.60 13.00
C ARG D 471 -27.67 -5.39 12.89
N LYS D 472 -26.52 -5.55 12.26
CA LYS D 472 -25.64 -4.41 11.99
C LYS D 472 -26.29 -3.43 11.02
N THR D 473 -26.85 -3.94 9.92
CA THR D 473 -27.41 -3.04 8.92
C THR D 473 -28.64 -2.32 9.46
N VAL D 474 -29.51 -3.04 10.20
CA VAL D 474 -30.70 -2.37 10.71
C VAL D 474 -30.32 -1.32 11.75
N LYS D 475 -29.30 -1.60 12.57
CA LYS D 475 -28.85 -0.62 13.56
C LYS D 475 -28.29 0.62 12.88
N THR D 476 -27.48 0.44 11.85
CA THR D 476 -26.88 1.60 11.17
C THR D 476 -27.95 2.48 10.54
N LEU D 477 -28.88 1.86 9.80
CA LEU D 477 -29.93 2.65 9.16
C LEU D 477 -30.80 3.34 10.19
N GLY D 478 -31.13 2.63 11.28
CA GLY D 478 -31.92 3.23 12.34
C GLY D 478 -31.23 4.44 12.95
N ILE D 479 -29.91 4.38 13.12
CA ILE D 479 -29.16 5.53 13.73
C ILE D 479 -29.25 6.76 12.80
N ILE D 480 -28.84 6.61 11.54
CA ILE D 480 -28.76 7.73 10.54
C ILE D 480 -30.11 8.46 10.48
N MET D 481 -31.19 7.72 10.21
CA MET D 481 -32.52 8.34 9.94
C MET D 481 -33.13 8.85 11.25
N GLY D 482 -32.95 8.12 12.35
CA GLY D 482 -33.60 8.47 13.64
C GLY D 482 -32.87 9.58 14.37
N THR D 483 -31.72 10.04 13.85
CA THR D 483 -31.00 11.27 14.31
C THR D 483 -31.40 12.45 13.40
N PHE D 484 -31.52 12.22 12.09
CA PHE D 484 -32.05 13.21 11.12
C PHE D 484 -33.49 13.55 11.48
N ILE D 485 -34.35 12.55 11.77
CA ILE D 485 -35.74 12.85 12.10
C ILE D 485 -35.83 13.58 13.44
N LEU D 486 -35.32 12.95 14.50
CA LEU D 486 -35.43 13.52 15.83
C LEU D 486 -34.69 14.84 15.95
N CYS D 487 -33.92 15.26 14.96
CA CYS D 487 -33.36 16.64 15.10
C CYS D 487 -34.35 17.68 14.52
N TRP D 488 -34.75 17.54 13.26
CA TRP D 488 -35.30 18.68 12.48
C TRP D 488 -36.82 18.57 12.29
N LEU D 489 -37.40 17.39 12.48
CA LEU D 489 -38.86 17.20 12.21
C LEU D 489 -39.71 18.03 13.20
N PRO D 490 -39.52 17.97 14.54
CA PRO D 490 -40.30 18.82 15.45
C PRO D 490 -40.40 20.28 14.99
N PHE D 491 -39.30 20.85 14.48
CA PHE D 491 -39.24 22.27 14.05
C PHE D 491 -40.12 22.49 12.81
N PHE D 492 -39.91 21.68 11.77
CA PHE D 492 -40.50 21.99 10.43
C PHE D 492 -41.98 21.61 10.41
N ILE D 493 -42.47 20.84 11.40
CA ILE D 493 -43.94 20.66 11.56
C ILE D 493 -44.55 21.98 12.03
N VAL D 494 -44.03 22.53 13.14
CA VAL D 494 -44.51 23.81 13.74
C VAL D 494 -44.38 24.94 12.71
N ALA D 495 -43.27 24.98 11.97
CA ALA D 495 -42.96 26.10 11.04
C ALA D 495 -43.89 26.08 9.83
N LEU D 496 -44.61 24.98 9.60
CA LEU D 496 -45.63 24.90 8.52
C LEU D 496 -47.01 25.19 9.11
N VAL D 497 -47.27 24.68 10.32
CA VAL D 497 -48.60 24.87 10.98
C VAL D 497 -48.75 26.32 11.43
N LEU D 498 -47.81 26.86 12.23
CA LEU D 498 -48.11 28.16 12.85
C LEU D 498 -48.54 29.24 11.86
N PRO D 499 -47.83 29.51 10.76
CA PRO D 499 -48.23 30.64 9.90
C PRO D 499 -49.61 30.48 9.28
N PHE D 500 -50.02 29.24 9.02
CA PHE D 500 -51.33 28.99 8.35
C PHE D 500 -52.46 28.99 9.39
N CYS D 501 -52.20 28.40 10.56
CA CYS D 501 -53.19 28.39 11.67
C CYS D 501 -52.80 29.46 12.70
N GLU D 502 -53.31 30.68 12.51
CA GLU D 502 -52.90 31.84 13.35
C GLU D 502 -53.71 31.83 14.65
N SER D 503 -55.04 31.80 14.53
CA SER D 503 -55.96 31.98 15.69
C SER D 503 -55.64 30.98 16.79
N SER D 504 -55.48 31.46 18.03
CA SER D 504 -55.36 30.63 19.25
C SER D 504 -54.39 29.46 19.02
N CYS D 505 -53.18 29.76 18.53
CA CYS D 505 -52.10 28.75 18.44
C CYS D 505 -50.85 29.29 19.15
N HIS D 506 -51.02 29.72 20.40
CA HIS D 506 -49.90 30.26 21.22
C HIS D 506 -48.79 29.21 21.35
N MET D 507 -47.57 29.56 20.95
CA MET D 507 -46.39 28.67 21.13
C MET D 507 -45.75 29.01 22.47
N PRO D 508 -45.79 28.12 23.48
CA PRO D 508 -45.11 28.37 24.74
C PRO D 508 -43.64 28.73 24.48
N THR D 509 -43.19 29.89 24.98
CA THR D 509 -41.83 30.41 24.69
C THR D 509 -40.79 29.32 24.99
N LEU D 510 -40.93 28.62 26.12
CA LEU D 510 -39.96 27.55 26.51
C LEU D 510 -39.83 26.53 25.38
N LEU D 511 -40.97 26.05 24.86
CA LEU D 511 -40.97 24.99 23.82
C LEU D 511 -40.28 25.50 22.55
N GLY D 512 -40.51 26.76 22.18
CA GLY D 512 -39.85 27.37 21.01
C GLY D 512 -38.35 27.15 21.00
N ALA D 513 -37.67 27.43 22.11
CA ALA D 513 -36.22 27.40 22.20
C ALA D 513 -35.69 25.98 22.21
N ILE D 514 -36.37 25.07 22.91
CA ILE D 514 -35.95 23.68 22.95
C ILE D 514 -35.93 23.09 21.53
N ILE D 515 -37.02 23.34 20.81
CA ILE D 515 -37.18 22.85 19.40
C ILE D 515 -36.09 23.47 18.53
N ASN D 516 -35.87 24.78 18.65
CA ASN D 516 -34.86 25.51 17.84
C ASN D 516 -33.47 24.86 18.04
N TRP D 517 -33.08 24.66 19.29
CA TRP D 517 -31.67 24.27 19.57
C TRP D 517 -31.53 22.74 19.53
N LEU D 518 -32.65 22.01 19.44
CA LEU D 518 -32.63 20.56 19.11
C LEU D 518 -32.32 20.41 17.61
N GLY D 519 -32.82 21.33 16.79
CA GLY D 519 -32.47 21.37 15.35
C GLY D 519 -31.01 21.67 15.13
N TYR D 520 -30.46 22.68 15.81
CA TYR D 520 -29.07 23.15 15.61
C TYR D 520 -28.07 22.10 16.12
N SER D 521 -28.53 21.21 17.02
CA SER D 521 -27.69 20.11 17.57
C SER D 521 -27.37 19.08 16.47
N ASN D 522 -28.05 19.14 15.32
CA ASN D 522 -27.70 18.28 14.21
C ASN D 522 -26.29 18.52 13.70
N SER D 523 -25.82 19.76 13.84
CA SER D 523 -24.44 20.15 13.42
C SER D 523 -23.38 19.61 14.40
N LEU D 524 -23.81 19.17 15.59
CA LEU D 524 -22.90 18.54 16.58
C LEU D 524 -22.91 17.01 16.40
N LEU D 525 -24.05 16.46 16.01
CA LEU D 525 -24.23 14.98 15.94
C LEU D 525 -23.78 14.45 14.57
N ASN D 526 -23.80 15.29 13.53
CA ASN D 526 -23.41 14.85 12.15
C ASN D 526 -21.95 14.37 12.13
N PRO D 527 -20.94 15.11 12.64
CA PRO D 527 -19.55 14.60 12.70
C PRO D 527 -19.42 13.25 13.46
N VAL D 528 -20.22 13.05 14.52
CA VAL D 528 -20.12 11.84 15.40
C VAL D 528 -20.50 10.60 14.59
N ILE D 529 -21.51 10.70 13.72
CA ILE D 529 -22.18 9.53 13.06
C ILE D 529 -21.48 9.25 11.73
N TYR D 530 -21.05 10.30 11.01
CA TYR D 530 -20.46 10.22 9.66
C TYR D 530 -18.92 10.11 9.76
N ALA D 531 -18.29 10.54 10.87
CA ALA D 531 -16.83 10.56 10.95
C ALA D 531 -16.27 9.76 12.11
N TYR D 532 -16.84 9.89 13.31
CA TYR D 532 -16.23 9.31 14.50
C TYR D 532 -16.61 7.85 14.72
N PHE D 533 -17.21 7.19 13.72
CA PHE D 533 -17.56 5.78 13.85
C PHE D 533 -16.81 4.85 12.91
N ASN D 534 -16.54 5.34 11.69
CA ASN D 534 -15.81 4.54 10.68
C ASN D 534 -14.31 4.55 11.03
N LYS D 535 -13.70 3.36 10.98
CA LYS D 535 -12.36 3.14 11.55
C LYS D 535 -11.35 3.99 10.79
N ASP D 536 -11.52 4.14 9.48
CA ASP D 536 -10.52 4.88 8.65
C ASP D 536 -10.21 6.23 9.30
N PHE D 537 -11.24 6.93 9.78
CA PHE D 537 -11.07 8.22 10.50
C PHE D 537 -10.50 7.98 11.89
N GLN D 538 -11.11 7.06 12.64
CA GLN D 538 -10.79 6.81 14.06
C GLN D 538 -9.30 6.45 14.19
N ASN D 539 -8.78 5.67 13.24
CA ASN D 539 -7.37 5.19 13.28
C ASN D 539 -6.42 6.31 12.83
N ALA D 540 -6.90 7.20 11.95
CA ALA D 540 -6.08 8.36 11.49
C ALA D 540 -6.00 9.40 12.62
N PHE D 541 -7.01 9.45 13.49
CA PHE D 541 -6.94 10.29 14.71
C PHE D 541 -5.86 9.74 15.65
N LYS D 542 -5.87 8.42 15.88
CA LYS D 542 -4.77 7.78 16.66
C LYS D 542 -3.43 8.25 16.12
N LYS D 543 -3.21 8.11 14.80
CA LYS D 543 -1.93 8.45 14.15
C LYS D 543 -1.52 9.89 14.50
N ILE D 544 -2.40 10.87 14.25
CA ILE D 544 -2.01 12.29 14.41
C ILE D 544 -1.77 12.60 15.90
N ILE D 545 -2.58 12.00 16.79
CA ILE D 545 -2.38 12.17 18.26
C ILE D 545 -0.96 11.75 18.62
N LYS D 546 -0.53 10.58 18.15
CA LYS D 546 0.85 10.08 18.39
C LYS D 546 1.82 10.80 17.44
N CYS D 547 2.07 12.09 17.69
CA CYS D 547 2.94 12.95 16.82
C CYS D 547 2.61 12.69 15.35
#